data_3H54
#
_entry.id   3H54
#
_cell.length_a   153.354
_cell.length_b   114.159
_cell.length_c   68.342
_cell.angle_alpha   90.000
_cell.angle_beta   95.620
_cell.angle_gamma   90.000
#
_symmetry.space_group_name_H-M   'C 1 2 1'
#
loop_
_entity.id
_entity.type
_entity.pdbx_description
1 polymer Alpha-N-acetylgalactosaminidase
2 branched beta-D-mannopyranose-(1-4)-2-acetamido-2-deoxy-beta-D-glucopyranose-(1-4)-[alpha-L-fucopyranose-(1-6)]2-acetamido-2-deoxy-beta-D-glucopyranose
3 branched alpha-D-mannopyranose-(1-3)-[alpha-D-mannopyranose-(1-6)]beta-D-mannopyranose-(1-4)-2-acetamido-2-deoxy-beta-D-glucopyranose-(1-4)-2-acetamido-2-deoxy-beta-D-glucopyranose
4 branched 2-acetamido-2-deoxy-beta-D-glucopyranose-(1-4)-[alpha-L-fucopyranose-(1-6)]2-acetamido-2-deoxy-beta-D-glucopyranose
5 non-polymer GLYCEROL
6 non-polymer 2-acetamido-2-deoxy-beta-D-glucopyranose
7 non-polymer 2-acetamido-2-deoxy-alpha-D-galactopyranose
8 water water
#
_entity_poly.entity_id   1
_entity_poly.type   'polypeptide(L)'
_entity_poly.pdbx_seq_one_letter_code
;LDNGLLQTPPMGWLAWERFRCNINCDEDPKNCISEQLFMEMADRMAQDGWRDMGYTYLNIDDCWIGGRDASGRLMPDPKR
FPHGIPFLADYVHSLGLKLGIYADMGNFTCMGYPGTTLDKVVQDAQTFAEWKVDMLKLDGCFSTPEERAQGYPKMAAALN
ATGRPIAFSCSWPAYEGGLPPRVQYSLLADICNLWRNYDDIQDSWWSVLSILNWFVEHQDILQPVAGPGHWNDPDMLLIG
NFGLSLEQSRAQMALWTVLAAPLLMSTDLRTISAQNMDILQNPLMIKINQDPLGIQGRRIHKEKSLIEVYMRPLSNKASA
LVFFSCRTDMPYRYHSSLGQLNFTGSVIYEAQDVYSGDIISGLRDETNFTVIINPSGVVMWYLYPIKNLEMSQQHHHHHH
;
_entity_poly.pdbx_strand_id   A,B
#
loop_
_chem_comp.id
_chem_comp.type
_chem_comp.name
_chem_comp.formula
A2G D-saccharide, alpha linking 2-acetamido-2-deoxy-alpha-D-galactopyranose 'C8 H15 N O6'
BMA D-saccharide, beta linking beta-D-mannopyranose 'C6 H12 O6'
FUC L-saccharide, alpha linking alpha-L-fucopyranose 'C6 H12 O5'
GOL non-polymer GLYCEROL 'C3 H8 O3'
MAN D-saccharide, alpha linking alpha-D-mannopyranose 'C6 H12 O6'
NAG D-saccharide, beta linking 2-acetamido-2-deoxy-beta-D-glucopyranose 'C8 H15 N O6'
#
# COMPACT_ATOMS: atom_id res chain seq x y z
N LEU A 1 17.52 -30.33 -1.63
CA LEU A 1 18.13 -31.28 -0.65
C LEU A 1 17.34 -32.58 -0.63
N ASP A 2 18.04 -33.70 -0.75
CA ASP A 2 17.40 -35.00 -0.94
C ASP A 2 17.08 -35.71 0.38
N ASN A 3 16.34 -35.03 1.24
CA ASN A 3 16.00 -35.55 2.56
C ASN A 3 14.54 -35.97 2.68
N GLY A 4 13.85 -36.05 1.54
CA GLY A 4 12.44 -36.45 1.50
C GLY A 4 11.47 -35.37 1.92
N LEU A 5 11.99 -34.19 2.26
CA LEU A 5 11.17 -33.12 2.81
C LEU A 5 10.87 -32.03 1.80
N LEU A 6 9.71 -31.40 1.99
CA LEU A 6 9.32 -30.21 1.21
C LEU A 6 9.25 -30.51 -0.29
N GLN A 7 8.60 -31.63 -0.63
CA GLN A 7 8.32 -31.99 -2.00
C GLN A 7 7.32 -31.01 -2.61
N THR A 8 6.62 -30.30 -1.73
CA THR A 8 5.83 -29.13 -2.09
C THR A 8 6.37 -27.98 -1.22
N PRO A 9 6.19 -26.72 -1.64
CA PRO A 9 6.72 -25.61 -0.82
C PRO A 9 6.16 -25.65 0.60
N PRO A 10 6.99 -25.28 1.59
CA PRO A 10 6.53 -25.30 2.97
C PRO A 10 5.44 -24.25 3.22
N MET A 11 4.48 -24.60 4.06
CA MET A 11 3.45 -23.69 4.47
C MET A 11 3.48 -23.60 5.98
N GLY A 12 3.30 -22.40 6.51
CA GLY A 12 3.27 -22.21 7.95
C GLY A 12 3.27 -20.78 8.40
N TRP A 13 3.87 -20.54 9.55
CA TRP A 13 3.92 -19.25 10.18
C TRP A 13 5.35 -19.03 10.65
N LEU A 14 5.87 -17.82 10.40
CA LEU A 14 7.21 -17.43 10.81
C LEU A 14 7.06 -16.14 11.62
N ALA A 15 7.70 -16.08 12.79
CA ALA A 15 7.53 -14.95 13.72
C ALA A 15 8.04 -13.58 13.24
N TRP A 16 9.04 -13.57 12.37
CA TRP A 16 9.88 -12.37 12.19
C TRP A 16 9.21 -11.09 11.69
N GLU A 17 8.56 -11.15 10.53
CA GLU A 17 8.04 -9.95 9.88
C GLU A 17 7.15 -9.14 10.82
N ARG A 18 6.22 -9.83 11.48
CA ARG A 18 5.25 -9.16 12.33
C ARG A 18 5.79 -8.84 13.72
N PHE A 19 6.60 -9.73 14.30
CA PHE A 19 6.96 -9.57 15.71
C PHE A 19 8.43 -9.22 15.96
N ARG A 20 9.23 -9.33 14.91
CA ARG A 20 10.62 -8.87 14.91
C ARG A 20 11.40 -9.30 16.16
N CYS A 21 12.18 -8.37 16.71
CA CYS A 21 13.03 -8.65 17.85
C CYS A 21 12.47 -8.01 19.12
N ASN A 22 11.15 -8.09 19.29
CA ASN A 22 10.48 -7.56 20.47
C ASN A 22 10.72 -8.48 21.68
N ILE A 23 11.54 -8.00 22.62
CA ILE A 23 11.89 -8.81 23.80
C ILE A 23 11.38 -8.18 25.09
N ASN A 24 10.54 -7.16 24.97
CA ASN A 24 10.00 -6.48 26.12
C ASN A 24 8.70 -7.13 26.60
N CYS A 25 8.85 -8.26 27.28
CA CYS A 25 7.69 -8.98 27.81
C CYS A 25 7.04 -8.29 29.00
N ASP A 26 7.80 -7.45 29.71
CA ASP A 26 7.25 -6.68 30.84
C ASP A 26 6.20 -5.67 30.38
N GLU A 27 6.53 -4.90 29.35
CA GLU A 27 5.62 -3.88 28.83
C GLU A 27 4.67 -4.43 27.77
N ASP A 28 5.11 -5.47 27.07
CA ASP A 28 4.37 -5.99 25.92
C ASP A 28 4.27 -7.54 25.93
N PRO A 29 3.68 -8.11 27.01
CA PRO A 29 3.68 -9.58 27.16
C PRO A 29 2.97 -10.35 26.03
N LYS A 30 2.08 -9.68 25.31
CA LYS A 30 1.26 -10.35 24.30
C LYS A 30 1.98 -10.49 22.98
N ASN A 31 3.01 -9.67 22.76
CA ASN A 31 3.64 -9.54 21.45
C ASN A 31 5.14 -9.74 21.43
N CYS A 32 5.74 -9.88 22.61
CA CYS A 32 7.17 -10.17 22.70
C CYS A 32 7.44 -11.60 22.23
N ILE A 33 8.66 -11.83 21.76
CA ILE A 33 9.12 -13.16 21.37
C ILE A 33 9.25 -14.01 22.63
N SER A 34 8.31 -14.93 22.79
CA SER A 34 8.23 -15.73 24.00
C SER A 34 7.54 -17.05 23.73
N GLU A 35 7.75 -17.99 24.64
CA GLU A 35 7.04 -19.27 24.69
C GLU A 35 5.54 -19.08 24.52
N GLN A 36 4.98 -18.15 25.30
CA GLN A 36 3.57 -17.81 25.23
C GLN A 36 3.11 -17.50 23.81
N LEU A 37 3.87 -16.67 23.10
CA LEU A 37 3.52 -16.25 21.75
C LEU A 37 3.42 -17.44 20.81
N PHE A 38 4.38 -18.36 20.91
CA PHE A 38 4.42 -19.51 20.03
C PHE A 38 3.30 -20.50 20.34
N MET A 39 3.01 -20.72 21.61
CA MET A 39 1.90 -21.59 21.99
C MET A 39 0.54 -21.05 21.50
N GLU A 40 0.36 -19.74 21.64
CA GLU A 40 -0.90 -19.10 21.27
C GLU A 40 -1.12 -19.15 19.76
N MET A 41 -0.05 -18.90 19.00
CA MET A 41 -0.08 -19.04 17.54
C MET A 41 -0.36 -20.48 17.14
N ALA A 42 0.27 -21.42 17.84
CA ALA A 42 0.05 -22.85 17.61
C ALA A 42 -1.40 -23.26 17.86
N ASP A 43 -1.99 -22.73 18.93
CA ASP A 43 -3.41 -22.96 19.22
C ASP A 43 -4.28 -22.45 18.07
N ARG A 44 -3.93 -21.27 17.56
CA ARG A 44 -4.70 -20.68 16.46
C ARG A 44 -4.61 -21.54 15.20
N MET A 45 -3.40 -21.99 14.88
CA MET A 45 -3.21 -22.87 13.73
C MET A 45 -3.99 -24.17 13.85
N ALA A 46 -3.98 -24.76 15.04
CA ALA A 46 -4.73 -25.98 15.32
C ALA A 46 -6.25 -25.76 15.25
N GLN A 47 -6.73 -24.63 15.78
CA GLN A 47 -8.19 -24.43 15.97
C GLN A 47 -8.89 -23.67 14.85
N ASP A 48 -8.14 -22.91 14.05
CA ASP A 48 -8.74 -21.96 13.11
C ASP A 48 -8.66 -22.37 11.65
N GLY A 49 -8.34 -23.64 11.40
CA GLY A 49 -8.33 -24.19 10.04
C GLY A 49 -6.97 -24.22 9.38
N TRP A 50 -6.01 -23.49 9.95
CA TRP A 50 -4.69 -23.33 9.32
C TRP A 50 -4.01 -24.65 9.07
N ARG A 51 -3.88 -25.46 10.12
CA ARG A 51 -3.29 -26.78 10.00
C ARG A 51 -4.02 -27.60 8.93
N ASP A 52 -5.36 -27.64 9.03
CA ASP A 52 -6.18 -28.40 8.09
C ASP A 52 -5.94 -27.98 6.64
N MET A 53 -5.69 -26.70 6.40
CA MET A 53 -5.44 -26.20 5.05
C MET A 53 -4.02 -26.47 4.58
N GLY A 54 -3.15 -26.89 5.50
CA GLY A 54 -1.78 -27.26 5.13
C GLY A 54 -0.67 -26.42 5.75
N TYR A 55 -1.02 -25.36 6.47
CA TYR A 55 -0.03 -24.57 7.19
C TYR A 55 0.40 -25.36 8.43
N THR A 56 1.59 -25.98 8.35
CA THR A 56 2.02 -26.94 9.39
C THR A 56 3.24 -26.48 10.18
N TYR A 57 4.03 -25.57 9.61
CA TYR A 57 5.23 -25.08 10.29
C TYR A 57 4.98 -23.85 11.15
N LEU A 58 5.41 -23.93 12.40
CA LEU A 58 5.43 -22.79 13.29
C LEU A 58 6.90 -22.50 13.57
N ASN A 59 7.42 -21.42 12.99
CA ASN A 59 8.86 -21.17 13.00
C ASN A 59 9.31 -20.01 13.88
N ILE A 60 10.19 -20.32 14.82
CA ILE A 60 10.86 -19.32 15.62
C ILE A 60 11.91 -18.64 14.74
N ASP A 61 12.06 -17.33 14.87
CA ASP A 61 13.10 -16.61 14.15
C ASP A 61 14.12 -16.07 15.16
N ASP A 62 14.79 -14.97 14.82
CA ASP A 62 15.85 -14.41 15.66
C ASP A 62 15.34 -14.01 17.05
N CYS A 63 16.28 -13.79 17.97
CA CYS A 63 16.05 -13.25 19.32
C CYS A 63 15.43 -14.27 20.31
N TRP A 64 15.61 -15.56 20.03
CA TRP A 64 15.19 -16.59 20.96
C TRP A 64 16.30 -17.03 21.89
N ILE A 65 17.55 -16.85 21.46
CA ILE A 65 18.70 -17.43 22.15
C ILE A 65 19.00 -16.72 23.45
N GLY A 66 19.34 -17.49 24.48
CA GLY A 66 19.72 -16.95 25.77
C GLY A 66 21.22 -16.93 25.97
N GLY A 67 21.90 -17.95 25.46
CA GLY A 67 23.35 -18.07 25.59
C GLY A 67 23.75 -19.50 25.36
N ARG A 68 24.98 -19.84 25.71
CA ARG A 68 25.45 -21.22 25.69
C ARG A 68 25.84 -21.63 27.10
N ASP A 69 25.57 -22.90 27.44
CA ASP A 69 25.90 -23.40 28.77
C ASP A 69 27.36 -23.82 28.84
N ALA A 70 27.77 -24.42 29.96
CA ALA A 70 29.17 -24.80 30.16
C ALA A 70 29.74 -25.75 29.11
N SER A 71 28.87 -26.53 28.46
CA SER A 71 29.28 -27.44 27.39
C SER A 71 29.18 -26.80 26.00
N GLY A 72 28.82 -25.53 25.96
CA GLY A 72 28.68 -24.81 24.70
C GLY A 72 27.32 -25.06 24.06
N ARG A 73 26.43 -25.69 24.81
CA ARG A 73 25.12 -26.08 24.33
C ARG A 73 24.21 -24.85 24.30
N LEU A 74 23.59 -24.63 23.16
CA LEU A 74 22.69 -23.50 22.93
C LEU A 74 21.49 -23.57 23.86
N MET A 75 21.10 -22.41 24.41
CA MET A 75 19.95 -22.31 25.32
C MET A 75 19.06 -21.17 24.89
N PRO A 76 17.73 -21.34 25.04
CA PRO A 76 16.83 -20.22 24.79
C PRO A 76 16.88 -19.25 25.97
N ASP A 77 16.30 -18.06 25.79
CA ASP A 77 16.18 -17.09 26.87
C ASP A 77 15.34 -17.70 27.98
N PRO A 78 15.93 -17.85 29.19
CA PRO A 78 15.24 -18.54 30.29
C PRO A 78 13.99 -17.82 30.76
N LYS A 79 13.95 -16.50 30.63
CA LYS A 79 12.80 -15.71 31.04
C LYS A 79 11.66 -15.76 30.01
N ARG A 80 12.01 -15.70 28.74
CA ARG A 80 11.01 -15.67 27.69
C ARG A 80 10.58 -17.06 27.22
N PHE A 81 11.45 -18.05 27.45
CA PHE A 81 11.14 -19.46 27.17
C PHE A 81 11.40 -20.32 28.43
N PRO A 82 10.61 -20.12 29.51
CA PRO A 82 10.93 -20.76 30.79
C PRO A 82 10.97 -22.29 30.77
N HIS A 83 10.16 -22.91 29.92
CA HIS A 83 10.12 -24.36 29.80
C HIS A 83 11.10 -24.94 28.75
N GLY A 84 11.74 -24.07 27.98
CA GLY A 84 12.71 -24.51 26.98
C GLY A 84 12.08 -25.02 25.69
N ILE A 85 12.93 -25.33 24.71
CA ILE A 85 12.46 -25.64 23.36
C ILE A 85 11.77 -27.01 23.22
N PRO A 86 12.29 -28.08 23.86
CA PRO A 86 11.57 -29.37 23.77
C PRO A 86 10.11 -29.26 24.19
N PHE A 87 9.84 -28.53 25.27
CA PHE A 87 8.46 -28.27 25.70
C PHE A 87 7.62 -27.68 24.57
N LEU A 88 8.23 -26.77 23.81
CA LEU A 88 7.53 -26.08 22.72
C LEU A 88 7.36 -27.00 21.52
N ALA A 89 8.40 -27.77 21.18
CA ALA A 89 8.33 -28.76 20.12
C ALA A 89 7.30 -29.83 20.43
N ASP A 90 7.29 -30.30 21.68
CA ASP A 90 6.34 -31.30 22.15
C ASP A 90 4.92 -30.77 22.12
N TYR A 91 4.75 -29.51 22.49
CA TYR A 91 3.43 -28.88 22.47
C TYR A 91 2.90 -28.80 21.06
N VAL A 92 3.75 -28.31 20.17
CA VAL A 92 3.42 -28.08 18.78
C VAL A 92 3.15 -29.42 18.06
N HIS A 93 3.97 -30.43 18.34
CA HIS A 93 3.72 -31.77 17.81
C HIS A 93 2.41 -32.36 18.30
N SER A 94 2.02 -32.03 19.53
CA SER A 94 0.77 -32.58 20.08
C SER A 94 -0.42 -31.97 19.36
N LEU A 95 -0.19 -30.87 18.65
CA LEU A 95 -1.24 -30.22 17.88
C LEU A 95 -1.17 -30.56 16.38
N GLY A 96 -0.30 -31.50 16.03
CA GLY A 96 -0.17 -31.96 14.64
C GLY A 96 0.60 -30.97 13.78
N LEU A 97 1.43 -30.17 14.45
CA LEU A 97 2.21 -29.14 13.79
C LEU A 97 3.71 -29.45 13.86
N LYS A 98 4.52 -28.63 13.19
CA LYS A 98 5.97 -28.81 13.19
C LYS A 98 6.64 -27.54 13.67
N LEU A 99 7.79 -27.69 14.33
CA LEU A 99 8.51 -26.55 14.88
C LEU A 99 9.78 -26.18 14.09
N GLY A 100 9.88 -24.91 13.71
CA GLY A 100 11.06 -24.41 13.04
C GLY A 100 11.87 -23.54 13.98
N ILE A 101 13.17 -23.49 13.76
CA ILE A 101 14.00 -22.65 14.60
C ILE A 101 15.01 -21.89 13.75
N TYR A 102 15.77 -21.01 14.38
CA TYR A 102 16.61 -20.07 13.68
C TYR A 102 18.01 -20.08 14.29
N ALA A 103 19.02 -20.14 13.43
CA ALA A 103 20.40 -20.01 13.87
C ALA A 103 21.12 -19.14 12.85
N ASP A 104 22.35 -18.72 13.17
CA ASP A 104 23.12 -17.92 12.23
C ASP A 104 24.50 -18.51 12.03
N MET A 105 24.80 -18.80 10.77
CA MET A 105 26.12 -19.25 10.34
C MET A 105 27.06 -18.04 10.38
N GLY A 106 27.62 -17.77 11.55
CA GLY A 106 28.46 -16.60 11.76
C GLY A 106 28.65 -16.38 13.25
N ASN A 107 29.34 -15.30 13.61
CA ASN A 107 29.62 -15.00 15.01
C ASN A 107 28.36 -14.70 15.81
N PHE A 108 27.42 -13.98 15.20
CA PHE A 108 26.19 -13.59 15.87
C PHE A 108 25.03 -13.72 14.90
N THR A 109 23.81 -13.77 15.42
CA THR A 109 22.63 -13.61 14.58
C THR A 109 22.56 -12.15 14.15
N CYS A 110 21.70 -11.83 13.19
CA CYS A 110 21.62 -10.46 12.70
C CYS A 110 21.30 -9.45 13.80
N MET A 111 20.61 -9.92 14.84
CA MET A 111 20.27 -9.07 15.99
C MET A 111 21.25 -9.19 17.15
N GLY A 112 22.39 -9.83 16.89
CA GLY A 112 23.49 -9.88 17.86
C GLY A 112 23.44 -11.01 18.87
N TYR A 113 22.54 -11.96 18.68
CA TYR A 113 22.43 -13.12 19.56
C TYR A 113 23.52 -14.17 19.21
N PRO A 114 23.83 -15.09 20.14
CA PRO A 114 24.95 -16.03 19.90
C PRO A 114 24.89 -16.75 18.55
N GLY A 115 26.00 -16.72 17.82
CA GLY A 115 26.03 -17.32 16.49
C GLY A 115 26.40 -18.78 16.50
N THR A 116 26.08 -19.46 15.40
CA THR A 116 26.51 -20.82 15.16
C THR A 116 27.75 -20.76 14.29
N THR A 117 28.91 -20.57 14.92
CA THR A 117 30.19 -20.53 14.23
C THR A 117 30.54 -21.92 13.71
N LEU A 118 31.56 -22.01 12.85
CA LEU A 118 31.94 -23.28 12.24
C LEU A 118 32.15 -24.39 13.26
N ASP A 119 32.78 -24.07 14.39
CA ASP A 119 33.03 -25.07 15.42
C ASP A 119 31.79 -25.46 16.26
N LYS A 120 30.66 -24.81 15.99
CA LYS A 120 29.41 -25.07 16.72
C LYS A 120 28.36 -25.73 15.84
N VAL A 121 28.63 -25.81 14.54
CA VAL A 121 27.65 -26.32 13.58
C VAL A 121 27.12 -27.70 13.96
N VAL A 122 28.03 -28.65 14.20
CA VAL A 122 27.64 -30.03 14.51
C VAL A 122 26.85 -30.06 15.83
N GLN A 123 27.40 -29.45 16.87
CA GLN A 123 26.75 -29.40 18.18
C GLN A 123 25.33 -28.83 18.13
N ASP A 124 25.15 -27.71 17.45
CA ASP A 124 23.85 -27.05 17.35
C ASP A 124 22.84 -27.91 16.57
N ALA A 125 23.31 -28.53 15.49
CA ALA A 125 22.51 -29.47 14.72
C ALA A 125 22.01 -30.60 15.61
N GLN A 126 22.92 -31.18 16.40
CA GLN A 126 22.57 -32.26 17.32
C GLN A 126 21.59 -31.79 18.38
N THR A 127 21.81 -30.59 18.91
CA THR A 127 20.90 -29.97 19.86
C THR A 127 19.48 -29.84 19.28
N PHE A 128 19.39 -29.31 18.06
CA PHE A 128 18.11 -29.11 17.40
C PHE A 128 17.37 -30.43 17.18
N ALA A 129 18.09 -31.45 16.76
CA ALA A 129 17.54 -32.78 16.56
C ALA A 129 17.06 -33.38 17.88
N GLU A 130 17.87 -33.20 18.92
CA GLU A 130 17.50 -33.66 20.26
C GLU A 130 16.25 -32.94 20.76
N TRP A 131 16.14 -31.65 20.45
CA TRP A 131 14.95 -30.87 20.78
C TRP A 131 13.72 -31.27 19.96
N LYS A 132 13.96 -32.01 18.87
CA LYS A 132 12.89 -32.48 17.96
C LYS A 132 12.33 -31.34 17.10
N VAL A 133 13.21 -30.41 16.79
CA VAL A 133 12.98 -29.36 15.82
C VAL A 133 12.74 -30.01 14.46
N ASP A 134 11.90 -29.39 13.62
CA ASP A 134 11.56 -29.95 12.30
C ASP A 134 12.10 -29.16 11.12
N MET A 135 12.58 -27.95 11.39
CA MET A 135 13.03 -27.04 10.33
C MET A 135 14.04 -26.06 10.90
N LEU A 136 15.02 -25.69 10.10
CA LEU A 136 16.03 -24.72 10.50
C LEU A 136 16.23 -23.64 9.44
N LYS A 137 16.15 -22.39 9.88
CA LYS A 137 16.55 -21.26 9.06
C LYS A 137 17.95 -20.88 9.50
N LEU A 138 18.91 -21.05 8.59
CA LEU A 138 20.28 -20.71 8.91
C LEU A 138 20.60 -19.40 8.22
N ASP A 139 20.62 -18.33 9.01
CA ASP A 139 20.95 -16.99 8.55
C ASP A 139 22.47 -16.85 8.33
N GLY A 140 22.89 -15.74 7.75
CA GLY A 140 24.30 -15.57 7.35
C GLY A 140 25.00 -14.29 7.75
N CYS A 141 24.45 -13.57 8.73
CA CYS A 141 25.09 -12.37 9.27
C CYS A 141 26.43 -12.67 9.94
N PHE A 142 27.27 -11.64 10.06
CA PHE A 142 28.55 -11.73 10.75
C PHE A 142 29.39 -12.94 10.38
N SER A 143 29.46 -13.22 9.08
CA SER A 143 30.34 -14.26 8.55
C SER A 143 31.04 -13.78 7.29
N THR A 144 32.12 -14.47 6.91
CA THR A 144 32.82 -14.21 5.66
C THR A 144 32.25 -15.12 4.56
N PRO A 145 32.48 -14.78 3.28
CA PRO A 145 32.03 -15.67 2.22
C PRO A 145 32.55 -17.11 2.32
N GLU A 146 33.83 -17.28 2.66
CA GLU A 146 34.41 -18.62 2.83
C GLU A 146 33.83 -19.41 4.01
N GLU A 147 33.45 -18.71 5.08
CA GLU A 147 32.81 -19.34 6.23
C GLU A 147 31.45 -19.90 5.85
N ARG A 148 30.70 -19.13 5.07
CA ARG A 148 29.40 -19.56 4.57
C ARG A 148 29.52 -20.74 3.61
N ALA A 149 30.55 -20.71 2.77
CA ALA A 149 30.80 -21.77 1.79
C ALA A 149 31.15 -23.11 2.45
N GLN A 150 31.78 -23.03 3.62
CA GLN A 150 32.06 -24.21 4.42
C GLN A 150 30.86 -24.56 5.28
N GLY A 151 30.23 -23.53 5.84
CA GLY A 151 29.24 -23.66 6.90
C GLY A 151 27.90 -24.24 6.49
N TYR A 152 27.39 -23.81 5.35
CA TYR A 152 26.11 -24.30 4.84
C TYR A 152 26.13 -25.79 4.44
N PRO A 153 27.13 -26.22 3.64
CA PRO A 153 27.27 -27.67 3.40
C PRO A 153 27.52 -28.46 4.69
N LYS A 154 28.27 -27.88 5.62
CA LYS A 154 28.55 -28.52 6.89
C LYS A 154 27.27 -28.76 7.70
N MET A 155 26.39 -27.76 7.72
CA MET A 155 25.14 -27.86 8.46
C MET A 155 24.20 -28.89 7.87
N ALA A 156 24.07 -28.89 6.54
CA ALA A 156 23.25 -29.87 5.84
C ALA A 156 23.69 -31.29 6.20
N ALA A 157 25.01 -31.52 6.18
CA ALA A 157 25.59 -32.81 6.54
C ALA A 157 25.33 -33.15 8.01
N ALA A 158 25.52 -32.18 8.89
CA ALA A 158 25.34 -32.39 10.34
C ALA A 158 23.88 -32.66 10.71
N LEU A 159 22.96 -31.98 10.05
CA LEU A 159 21.53 -32.26 10.26
C LEU A 159 21.21 -33.68 9.80
N ASN A 160 21.74 -34.05 8.64
CA ASN A 160 21.53 -35.40 8.11
C ASN A 160 22.01 -36.48 9.07
N ALA A 161 23.22 -36.30 9.61
CA ALA A 161 23.83 -37.25 10.54
C ALA A 161 23.01 -37.48 11.83
N THR A 162 22.16 -36.53 12.20
CA THR A 162 21.33 -36.69 13.40
C THR A 162 20.28 -37.79 13.21
N GLY A 163 19.95 -38.06 11.95
CA GLY A 163 18.90 -39.04 11.62
C GLY A 163 17.49 -38.47 11.71
N ARG A 164 17.37 -37.25 12.23
CA ARG A 164 16.08 -36.57 12.22
C ARG A 164 15.90 -35.77 10.93
N PRO A 165 14.77 -35.99 10.23
CA PRO A 165 14.47 -35.16 9.06
C PRO A 165 14.24 -33.72 9.51
N ILE A 166 15.12 -32.81 9.08
CA ILE A 166 14.97 -31.40 9.41
C ILE A 166 15.05 -30.55 8.15
N ALA A 167 13.93 -29.92 7.80
CA ALA A 167 13.86 -29.04 6.64
C ALA A 167 14.85 -27.90 6.77
N PHE A 168 15.59 -27.62 5.70
CA PHE A 168 16.73 -26.71 5.77
C PHE A 168 16.53 -25.47 4.89
N SER A 169 16.36 -24.33 5.56
CA SER A 169 16.19 -23.02 4.92
C SER A 169 17.52 -22.26 4.99
N CYS A 170 18.10 -21.93 3.83
CA CYS A 170 19.45 -21.32 3.74
C CYS A 170 19.41 -19.88 3.26
N SER A 171 19.89 -18.95 4.08
CA SER A 171 19.95 -17.53 3.70
C SER A 171 21.21 -17.17 2.91
N TRP A 172 22.09 -18.16 2.76
CA TRP A 172 23.37 -18.02 2.06
C TRP A 172 23.35 -17.11 0.82
N PRO A 173 22.51 -17.43 -0.20
CA PRO A 173 22.57 -16.61 -1.42
C PRO A 173 22.30 -15.12 -1.20
N ALA A 174 21.41 -14.78 -0.24
CA ALA A 174 21.07 -13.37 0.04
C ALA A 174 22.26 -12.53 0.46
N TYR A 175 23.28 -13.17 1.02
CA TYR A 175 24.50 -12.46 1.43
C TYR A 175 25.53 -12.35 0.31
N GLU A 176 25.28 -13.05 -0.81
CA GLU A 176 26.22 -13.12 -1.93
C GLU A 176 25.65 -12.47 -3.18
N GLY A 177 24.58 -11.69 -3.04
CA GLY A 177 23.98 -10.99 -4.17
C GLY A 177 22.99 -11.81 -4.96
N GLY A 178 22.84 -13.08 -4.57
CA GLY A 178 21.76 -13.95 -5.07
C GLY A 178 21.88 -14.42 -6.50
N LEU A 179 22.99 -14.08 -7.16
CA LEU A 179 23.16 -14.39 -8.58
C LEU A 179 24.49 -15.06 -8.91
N PRO A 180 24.55 -15.81 -10.03
CA PRO A 180 25.84 -16.25 -10.56
C PRO A 180 26.69 -15.02 -10.92
N PRO A 181 28.03 -15.15 -10.88
CA PRO A 181 28.85 -16.33 -10.59
C PRO A 181 29.02 -16.70 -9.12
N ARG A 182 28.68 -15.79 -8.20
N ARG A 182 28.66 -15.79 -8.21
CA ARG A 182 28.92 -16.03 -6.78
CA ARG A 182 28.90 -15.98 -6.78
C ARG A 182 27.98 -17.08 -6.18
C ARG A 182 27.98 -17.03 -6.14
N VAL A 183 26.73 -17.08 -6.61
CA VAL A 183 25.77 -18.09 -6.15
C VAL A 183 25.72 -19.24 -7.14
N GLN A 184 25.95 -20.46 -6.64
CA GLN A 184 25.85 -21.67 -7.44
C GLN A 184 24.56 -22.38 -7.06
N TYR A 185 23.55 -22.27 -7.92
CA TYR A 185 22.23 -22.80 -7.59
C TYR A 185 22.09 -24.33 -7.62
N SER A 186 22.93 -24.99 -8.42
CA SER A 186 22.98 -26.45 -8.42
C SER A 186 23.52 -26.92 -7.07
N LEU A 187 24.55 -26.24 -6.57
CA LEU A 187 25.06 -26.50 -5.23
C LEU A 187 23.94 -26.33 -4.17
N LEU A 188 23.31 -25.16 -4.15
CA LEU A 188 22.23 -24.85 -3.20
C LEU A 188 21.12 -25.90 -3.18
N ALA A 189 20.66 -26.30 -4.37
CA ALA A 189 19.62 -27.31 -4.50
C ALA A 189 20.02 -28.64 -3.87
N ASP A 190 21.32 -28.94 -3.89
CA ASP A 190 21.84 -30.17 -3.30
C ASP A 190 21.89 -30.11 -1.77
N ILE A 191 22.10 -28.91 -1.22
CA ILE A 191 22.31 -28.79 0.22
C ILE A 191 21.14 -28.18 0.99
N CYS A 192 20.19 -27.56 0.28
CA CYS A 192 19.10 -26.84 0.92
C CYS A 192 17.72 -27.25 0.38
N ASN A 193 16.71 -27.19 1.24
CA ASN A 193 15.33 -27.37 0.82
C ASN A 193 14.75 -26.09 0.25
N LEU A 194 15.30 -24.97 0.71
CA LEU A 194 14.89 -23.64 0.23
C LEU A 194 15.94 -22.63 0.63
N TRP A 195 15.94 -21.49 -0.06
CA TRP A 195 16.95 -20.46 0.15
C TRP A 195 16.39 -19.08 -0.08
N ARG A 196 16.76 -18.16 0.80
CA ARG A 196 16.38 -16.77 0.65
C ARG A 196 17.37 -16.15 -0.33
N ASN A 197 16.89 -15.80 -1.51
CA ASN A 197 17.72 -15.22 -2.59
C ASN A 197 18.02 -13.75 -2.38
N TYR A 198 17.09 -13.04 -1.74
CA TYR A 198 17.05 -11.59 -1.91
C TYR A 198 16.70 -10.88 -0.60
N ASP A 199 16.39 -9.59 -0.72
CA ASP A 199 16.16 -8.71 0.43
C ASP A 199 15.02 -9.18 1.31
N ASP A 200 15.18 -8.91 2.61
CA ASP A 200 14.12 -9.03 3.59
C ASP A 200 12.90 -8.25 3.12
N ILE A 201 11.75 -8.92 3.12
CA ILE A 201 10.49 -8.25 2.87
C ILE A 201 10.16 -7.34 4.05
N GLN A 202 9.62 -6.17 3.74
CA GLN A 202 9.12 -5.25 4.75
C GLN A 202 7.63 -5.04 4.51
N ASP A 203 6.92 -4.49 5.49
CA ASP A 203 5.47 -4.37 5.41
C ASP A 203 5.04 -3.21 4.51
N SER A 204 5.30 -3.36 3.21
CA SER A 204 4.97 -2.34 2.22
C SER A 204 4.82 -2.95 0.84
N TRP A 205 3.99 -2.32 0.02
CA TRP A 205 3.82 -2.72 -1.36
C TRP A 205 5.10 -2.49 -2.16
N TRP A 206 5.78 -1.36 -1.90
CA TRP A 206 7.09 -1.11 -2.51
C TRP A 206 8.01 -2.33 -2.34
N SER A 207 8.03 -2.90 -1.14
CA SER A 207 8.89 -4.05 -0.83
C SER A 207 8.52 -5.26 -1.67
N VAL A 208 7.22 -5.55 -1.75
CA VAL A 208 6.73 -6.67 -2.56
C VAL A 208 7.12 -6.49 -4.02
N LEU A 209 6.92 -5.29 -4.55
CA LEU A 209 7.26 -4.98 -5.93
C LEU A 209 8.75 -5.13 -6.22
N SER A 210 9.60 -4.69 -5.30
CA SER A 210 11.04 -4.78 -5.51
C SER A 210 11.51 -6.24 -5.54
N ILE A 211 10.91 -7.07 -4.69
CA ILE A 211 11.20 -8.50 -4.66
C ILE A 211 10.71 -9.18 -5.94
N LEU A 212 9.45 -8.94 -6.30
CA LEU A 212 8.89 -9.38 -7.56
C LEU A 212 9.77 -8.98 -8.74
N ASN A 213 10.12 -7.71 -8.80
CA ASN A 213 10.96 -7.18 -9.86
C ASN A 213 12.28 -7.93 -10.00
N TRP A 214 12.93 -8.18 -8.87
CA TRP A 214 14.19 -8.89 -8.87
C TRP A 214 14.01 -10.32 -9.38
N PHE A 215 13.00 -11.01 -8.86
CA PHE A 215 12.69 -12.36 -9.31
C PHE A 215 12.33 -12.46 -10.80
N VAL A 216 11.62 -11.46 -11.32
CA VAL A 216 11.26 -11.42 -12.74
C VAL A 216 12.46 -11.11 -13.64
N GLU A 217 13.28 -10.12 -13.24
CA GLU A 217 14.49 -9.79 -13.98
C GLU A 217 15.44 -10.98 -14.11
N HIS A 218 15.43 -11.87 -13.13
CA HIS A 218 16.37 -13.00 -13.10
C HIS A 218 15.68 -14.37 -13.20
N GLN A 219 14.45 -14.40 -13.73
CA GLN A 219 13.68 -15.64 -13.81
C GLN A 219 14.31 -16.74 -14.69
N ASP A 220 15.03 -16.32 -15.73
CA ASP A 220 15.79 -17.27 -16.57
C ASP A 220 16.77 -18.12 -15.74
N ILE A 221 17.33 -17.50 -14.70
CA ILE A 221 18.22 -18.17 -13.78
C ILE A 221 17.44 -18.93 -12.70
N LEU A 222 16.45 -18.25 -12.12
CA LEU A 222 15.79 -18.73 -10.90
C LEU A 222 14.71 -19.76 -11.13
N GLN A 223 13.95 -19.60 -12.21
CA GLN A 223 12.83 -20.52 -12.48
C GLN A 223 13.24 -22.00 -12.60
N PRO A 224 14.32 -22.30 -13.37
CA PRO A 224 14.64 -23.72 -13.56
C PRO A 224 15.16 -24.45 -12.31
N VAL A 225 15.71 -23.72 -11.35
CA VAL A 225 16.36 -24.35 -10.19
C VAL A 225 15.36 -24.81 -9.11
N ALA A 226 14.16 -24.25 -9.15
CA ALA A 226 13.13 -24.61 -8.20
C ALA A 226 12.48 -25.93 -8.58
N GLY A 227 12.21 -26.75 -7.57
CA GLY A 227 11.51 -28.01 -7.77
C GLY A 227 11.26 -28.73 -6.45
N PRO A 228 10.59 -29.89 -6.50
CA PRO A 228 10.32 -30.63 -5.28
C PRO A 228 11.59 -30.81 -4.45
N GLY A 229 11.55 -30.30 -3.22
CA GLY A 229 12.65 -30.46 -2.28
C GLY A 229 13.65 -29.34 -2.25
N HIS A 230 13.49 -28.37 -3.15
CA HIS A 230 14.45 -27.26 -3.30
C HIS A 230 13.82 -26.03 -3.96
N TRP A 231 13.41 -25.07 -3.12
CA TRP A 231 12.62 -23.92 -3.55
C TRP A 231 13.33 -22.58 -3.45
N ASN A 232 13.04 -21.68 -4.40
CA ASN A 232 13.33 -20.26 -4.24
C ASN A 232 12.44 -19.69 -3.14
N ASP A 233 12.95 -18.74 -2.37
CA ASP A 233 12.19 -18.19 -1.24
C ASP A 233 12.26 -16.66 -1.25
N PRO A 234 11.19 -16.01 -1.76
CA PRO A 234 11.07 -14.55 -1.86
C PRO A 234 10.66 -13.89 -0.54
N ASP A 235 10.62 -14.68 0.52
CA ASP A 235 10.32 -14.22 1.88
C ASP A 235 8.82 -14.30 2.23
N MET A 236 8.50 -13.84 3.45
CA MET A 236 7.22 -14.08 4.10
C MET A 236 6.03 -13.40 3.44
N LEU A 237 4.85 -13.96 3.65
CA LEU A 237 3.62 -13.31 3.24
C LEU A 237 3.30 -12.16 4.19
N LEU A 238 2.85 -11.03 3.63
CA LEU A 238 2.48 -9.86 4.42
C LEU A 238 0.98 -9.80 4.72
N ILE A 239 0.24 -10.77 4.20
CA ILE A 239 -1.22 -10.79 4.36
C ILE A 239 -1.59 -10.82 5.84
N GLY A 240 -2.43 -9.87 6.25
CA GLY A 240 -2.88 -9.79 7.63
C GLY A 240 -2.26 -8.63 8.41
N ASN A 241 -1.26 -7.99 7.81
CA ASN A 241 -0.52 -6.92 8.48
C ASN A 241 -0.98 -5.49 8.11
N PHE A 242 -0.05 -4.56 7.95
CA PHE A 242 -0.41 -3.14 7.95
C PHE A 242 -0.23 -2.43 6.61
N GLY A 243 0.73 -2.91 5.83
CA GLY A 243 1.21 -2.19 4.65
C GLY A 243 0.47 -2.47 3.36
N LEU A 244 -0.23 -3.61 3.29
CA LEU A 244 -0.89 -3.99 2.05
C LEU A 244 -2.39 -3.75 2.07
N SER A 245 -2.89 -3.19 0.97
CA SER A 245 -4.31 -3.07 0.77
C SER A 245 -4.89 -4.45 0.44
N LEU A 246 -6.21 -4.54 0.36
CA LEU A 246 -6.87 -5.80 0.00
C LEU A 246 -6.38 -6.33 -1.36
N GLU A 247 -6.39 -5.47 -2.38
CA GLU A 247 -5.92 -5.84 -3.72
C GLU A 247 -4.48 -6.34 -3.72
N GLN A 248 -3.62 -5.66 -2.97
CA GLN A 248 -2.21 -6.00 -2.88
C GLN A 248 -2.02 -7.31 -2.13
N SER A 249 -2.87 -7.54 -1.13
CA SER A 249 -2.82 -8.77 -0.34
C SER A 249 -3.18 -9.98 -1.20
N ARG A 250 -4.22 -9.82 -2.02
CA ARG A 250 -4.61 -10.86 -2.96
C ARG A 250 -3.54 -11.09 -4.02
N ALA A 251 -2.88 -10.00 -4.40
CA ALA A 251 -1.80 -10.05 -5.38
C ALA A 251 -0.59 -10.81 -4.86
N GLN A 252 -0.14 -10.52 -3.64
CA GLN A 252 1.02 -11.23 -3.12
C GLN A 252 0.73 -12.71 -3.04
N MET A 253 -0.47 -13.06 -2.56
CA MET A 253 -0.85 -14.46 -2.44
C MET A 253 -0.77 -15.15 -3.80
N ALA A 254 -1.40 -14.54 -4.81
CA ALA A 254 -1.42 -15.11 -6.16
C ALA A 254 -0.03 -15.21 -6.75
N LEU A 255 0.79 -14.18 -6.54
CA LEU A 255 2.12 -14.12 -7.15
C LEU A 255 3.11 -15.10 -6.50
N TRP A 256 3.11 -15.17 -5.16
CA TRP A 256 3.88 -16.18 -4.44
C TRP A 256 3.49 -17.59 -4.89
N THR A 257 2.20 -17.78 -5.15
CA THR A 257 1.70 -19.07 -5.61
C THR A 257 2.22 -19.44 -7.00
N VAL A 258 2.13 -18.53 -7.98
CA VAL A 258 2.71 -18.82 -9.30
C VAL A 258 4.23 -18.98 -9.28
N LEU A 259 4.90 -18.39 -8.29
CA LEU A 259 6.34 -18.52 -8.15
C LEU A 259 6.75 -19.78 -7.39
N ALA A 260 5.78 -20.59 -6.98
CA ALA A 260 6.01 -21.78 -6.16
C ALA A 260 6.84 -21.43 -4.92
N ALA A 261 6.50 -20.30 -4.32
CA ALA A 261 7.17 -19.81 -3.13
C ALA A 261 6.63 -20.54 -1.91
N PRO A 262 7.42 -20.59 -0.82
CA PRO A 262 6.83 -20.97 0.46
C PRO A 262 5.66 -20.06 0.82
N LEU A 263 4.64 -20.62 1.46
CA LEU A 263 3.55 -19.83 1.99
C LEU A 263 3.76 -19.71 3.49
N LEU A 264 4.72 -18.88 3.87
CA LEU A 264 5.02 -18.65 5.28
C LEU A 264 4.47 -17.31 5.76
N MET A 265 3.32 -17.39 6.43
CA MET A 265 2.68 -16.25 7.07
C MET A 265 3.59 -15.64 8.14
N SER A 266 3.37 -14.37 8.44
CA SER A 266 3.96 -13.71 9.58
C SER A 266 3.02 -12.58 9.97
N THR A 267 2.03 -12.92 10.79
CA THR A 267 0.94 -12.00 11.12
C THR A 267 0.31 -12.45 12.43
N ASP A 268 -0.52 -11.59 13.02
CA ASP A 268 -1.17 -11.99 14.27
C ASP A 268 -2.42 -12.81 13.99
N LEU A 269 -2.28 -14.13 14.12
CA LEU A 269 -3.39 -15.06 13.87
C LEU A 269 -4.50 -14.94 14.90
N ARG A 270 -4.21 -14.26 16.00
CA ARG A 270 -5.20 -14.01 17.05
C ARG A 270 -6.22 -12.97 16.63
N THR A 271 -5.81 -12.02 15.78
CA THR A 271 -6.69 -10.91 15.41
C THR A 271 -6.93 -10.79 13.90
N ILE A 272 -6.40 -11.74 13.12
CA ILE A 272 -6.55 -11.74 11.66
C ILE A 272 -8.01 -11.63 11.22
N SER A 273 -8.28 -10.75 10.26
CA SER A 273 -9.65 -10.54 9.78
C SER A 273 -10.12 -11.73 8.97
N ALA A 274 -11.43 -11.88 8.88
CA ALA A 274 -12.03 -12.90 8.01
C ALA A 274 -11.50 -12.74 6.57
N GLN A 275 -11.41 -11.49 6.11
CA GLN A 275 -11.06 -11.21 4.73
C GLN A 275 -9.63 -11.65 4.40
N ASN A 276 -8.70 -11.40 5.32
CA ASN A 276 -7.34 -11.85 5.14
C ASN A 276 -7.18 -13.37 5.29
N MET A 277 -7.96 -13.95 6.21
CA MET A 277 -8.01 -15.41 6.37
C MET A 277 -8.51 -16.09 5.10
N ASP A 278 -9.55 -15.50 4.50
CA ASP A 278 -10.10 -16.01 3.24
C ASP A 278 -9.09 -16.06 2.10
N ILE A 279 -8.17 -15.11 2.07
CA ILE A 279 -7.09 -15.09 1.10
C ILE A 279 -6.15 -16.28 1.36
N LEU A 280 -5.66 -16.36 2.60
CA LEU A 280 -4.67 -17.36 3.01
C LEU A 280 -5.19 -18.80 3.02
N GLN A 281 -6.49 -18.95 3.27
CA GLN A 281 -7.08 -20.29 3.34
C GLN A 281 -7.87 -20.68 2.07
N ASN A 282 -7.61 -19.97 0.98
CA ASN A 282 -8.23 -20.27 -0.32
C ASN A 282 -7.76 -21.65 -0.80
N PRO A 283 -8.69 -22.63 -0.83
CA PRO A 283 -8.35 -24.03 -1.13
C PRO A 283 -7.71 -24.25 -2.51
N LEU A 284 -8.24 -23.58 -3.54
CA LEU A 284 -7.69 -23.72 -4.90
C LEU A 284 -6.31 -23.07 -5.02
N MET A 285 -6.14 -21.93 -4.34
CA MET A 285 -4.86 -21.22 -4.30
C MET A 285 -3.76 -22.11 -3.71
N ILE A 286 -4.10 -22.76 -2.60
CA ILE A 286 -3.18 -23.65 -1.91
C ILE A 286 -2.87 -24.87 -2.78
N LYS A 287 -3.92 -25.45 -3.37
CA LYS A 287 -3.78 -26.58 -4.27
C LYS A 287 -2.78 -26.26 -5.38
N ILE A 288 -2.91 -25.07 -5.96
CA ILE A 288 -1.99 -24.60 -7.00
C ILE A 288 -0.56 -24.45 -6.47
N ASN A 289 -0.41 -23.80 -5.32
CA ASN A 289 0.91 -23.63 -4.70
C ASN A 289 1.57 -24.98 -4.42
N GLN A 290 0.75 -25.92 -3.95
CA GLN A 290 1.20 -27.25 -3.54
C GLN A 290 1.19 -28.26 -4.70
N ASP A 291 1.16 -27.77 -5.94
CA ASP A 291 1.14 -28.66 -7.10
C ASP A 291 2.33 -29.61 -7.09
N PRO A 292 2.06 -30.94 -7.18
CA PRO A 292 3.09 -31.98 -7.04
C PRO A 292 4.27 -31.84 -7.99
N LEU A 293 4.08 -31.19 -9.14
CA LEU A 293 5.16 -31.03 -10.11
C LEU A 293 6.22 -30.04 -9.64
N GLY A 294 5.79 -29.08 -8.82
CA GLY A 294 6.68 -28.05 -8.28
C GLY A 294 7.44 -27.25 -9.32
N ILE A 295 6.77 -26.92 -10.43
CA ILE A 295 7.39 -26.11 -11.48
C ILE A 295 7.12 -24.64 -11.19
N GLN A 296 8.18 -23.88 -10.93
CA GLN A 296 8.07 -22.45 -10.71
C GLN A 296 7.51 -21.78 -11.96
N GLY A 297 6.58 -20.87 -11.77
CA GLY A 297 6.00 -20.11 -12.86
C GLY A 297 6.91 -19.00 -13.34
N ARG A 298 6.49 -18.34 -14.42
N ARG A 298 6.45 -18.29 -14.38
CA ARG A 298 7.26 -17.27 -15.05
CA ARG A 298 7.26 -17.31 -15.10
C ARG A 298 6.33 -16.12 -15.37
C ARG A 298 6.34 -16.14 -15.46
N ARG A 299 6.90 -14.94 -15.59
CA ARG A 299 6.17 -13.84 -16.21
C ARG A 299 6.29 -14.08 -17.72
N ILE A 300 5.17 -14.26 -18.40
CA ILE A 300 5.17 -14.56 -19.84
C ILE A 300 4.85 -13.34 -20.73
N HIS A 301 4.35 -12.26 -20.12
CA HIS A 301 3.89 -11.09 -20.87
C HIS A 301 3.91 -9.81 -20.05
N LYS A 302 4.31 -8.72 -20.68
CA LYS A 302 4.34 -7.38 -20.09
C LYS A 302 3.92 -6.37 -21.14
N GLU A 303 2.71 -5.83 -21.00
CA GLU A 303 2.16 -4.88 -21.98
C GLU A 303 2.50 -3.44 -21.60
N LYS A 304 2.45 -2.53 -22.58
CA LYS A 304 2.67 -1.11 -22.29
C LYS A 304 1.55 -0.52 -21.43
N SER A 305 0.41 -1.22 -21.38
CA SER A 305 -0.69 -0.88 -20.48
C SER A 305 -0.34 -1.19 -19.01
N LEU A 306 0.84 -1.76 -18.80
CA LEU A 306 1.36 -2.16 -17.48
C LEU A 306 0.60 -3.35 -16.87
N ILE A 307 -0.12 -4.08 -17.71
CA ILE A 307 -0.62 -5.38 -17.32
C ILE A 307 0.46 -6.43 -17.53
N GLU A 308 0.76 -7.19 -16.48
CA GLU A 308 1.66 -8.32 -16.58
C GLU A 308 0.88 -9.63 -16.49
N VAL A 309 1.35 -10.64 -17.21
CA VAL A 309 0.76 -11.98 -17.16
C VAL A 309 1.81 -13.00 -16.72
N TYR A 310 1.48 -13.73 -15.65
CA TYR A 310 2.30 -14.83 -15.16
C TYR A 310 1.61 -16.16 -15.43
N MET A 311 2.41 -17.18 -15.71
CA MET A 311 1.90 -18.50 -16.02
C MET A 311 2.71 -19.55 -15.25
N ARG A 312 2.00 -20.44 -14.57
CA ARG A 312 2.64 -21.58 -13.91
C ARG A 312 2.07 -22.91 -14.41
N PRO A 313 2.95 -23.80 -14.89
CA PRO A 313 2.53 -25.13 -15.31
C PRO A 313 2.18 -26.00 -14.11
N LEU A 314 1.10 -26.75 -14.24
CA LEU A 314 0.60 -27.63 -13.17
C LEU A 314 0.37 -29.05 -13.68
N SER A 315 0.12 -29.97 -12.76
CA SER A 315 -0.16 -31.36 -13.12
C SER A 315 -1.51 -31.51 -13.82
N ASN A 316 -1.71 -32.65 -14.51
CA ASN A 316 -2.93 -32.89 -15.28
C ASN A 316 -3.15 -31.90 -16.42
N LYS A 317 -2.05 -31.44 -17.04
CA LYS A 317 -2.08 -30.44 -18.12
C LYS A 317 -2.76 -29.12 -17.75
N ALA A 318 -2.85 -28.83 -16.45
CA ALA A 318 -3.47 -27.60 -15.99
C ALA A 318 -2.44 -26.48 -15.90
N SER A 319 -2.92 -25.24 -15.77
CA SER A 319 -2.06 -24.07 -15.68
C SER A 319 -2.65 -23.04 -14.72
N ALA A 320 -1.79 -22.21 -14.16
CA ALA A 320 -2.23 -21.04 -13.42
C ALA A 320 -1.83 -19.80 -14.19
N LEU A 321 -2.78 -18.89 -14.36
CA LEU A 321 -2.51 -17.59 -14.94
C LEU A 321 -2.79 -16.49 -13.92
N VAL A 322 -1.85 -15.56 -13.79
CA VAL A 322 -2.06 -14.36 -12.98
C VAL A 322 -1.95 -13.12 -13.86
N PHE A 323 -3.08 -12.44 -14.03
CA PHE A 323 -3.11 -11.15 -14.70
C PHE A 323 -2.89 -10.09 -13.62
N PHE A 324 -1.78 -9.38 -13.73
CA PHE A 324 -1.33 -8.48 -12.67
C PHE A 324 -1.28 -7.06 -13.19
N SER A 325 -2.00 -6.17 -12.50
CA SER A 325 -1.98 -4.77 -12.86
C SER A 325 -0.98 -3.96 -12.05
N CYS A 326 0.02 -3.43 -12.75
CA CYS A 326 0.95 -2.48 -12.16
C CYS A 326 0.47 -1.04 -12.38
N ARG A 327 -0.78 -0.90 -12.83
CA ARG A 327 -1.41 0.41 -13.00
C ARG A 327 -1.72 1.00 -11.64
N THR A 328 -1.72 2.34 -11.56
CA THR A 328 -2.11 3.02 -10.33
C THR A 328 -3.21 4.04 -10.59
N ASP A 329 -4.05 3.76 -11.58
CA ASP A 329 -5.18 4.63 -11.85
C ASP A 329 -6.53 4.04 -11.43
N MET A 330 -7.00 3.03 -12.15
CA MET A 330 -8.34 2.49 -11.96
C MET A 330 -8.43 1.07 -12.50
N PRO A 331 -9.58 0.38 -12.30
CA PRO A 331 -9.72 -0.94 -12.89
C PRO A 331 -9.43 -0.89 -14.39
N TYR A 332 -8.84 -1.96 -14.91
CA TYR A 332 -8.48 -2.05 -16.31
C TYR A 332 -9.14 -3.27 -16.94
N ARG A 333 -9.73 -3.06 -18.11
CA ARG A 333 -10.32 -4.14 -18.88
C ARG A 333 -9.26 -4.73 -19.79
N TYR A 334 -8.59 -5.78 -19.31
CA TYR A 334 -7.55 -6.44 -20.09
C TYR A 334 -8.15 -7.41 -21.11
N HIS A 335 -7.90 -7.14 -22.39
CA HIS A 335 -8.39 -7.97 -23.49
C HIS A 335 -7.28 -8.88 -24.00
N SER A 336 -7.56 -10.17 -24.03
CA SER A 336 -6.59 -11.15 -24.50
C SER A 336 -7.27 -12.41 -25.03
N SER A 337 -6.44 -13.41 -25.34
CA SER A 337 -6.88 -14.74 -25.73
C SER A 337 -5.75 -15.68 -25.39
N LEU A 338 -6.08 -16.95 -25.15
CA LEU A 338 -5.07 -17.95 -24.77
C LEU A 338 -4.00 -18.13 -25.86
N GLY A 339 -4.41 -17.99 -27.12
CA GLY A 339 -3.49 -18.00 -28.26
C GLY A 339 -2.44 -16.90 -28.18
N GLN A 340 -2.85 -15.73 -27.69
CA GLN A 340 -1.93 -14.62 -27.50
C GLN A 340 -1.02 -14.85 -26.30
N LEU A 341 -1.40 -15.79 -25.44
CA LEU A 341 -0.60 -16.15 -24.29
C LEU A 341 0.14 -17.47 -24.54
N ASN A 342 0.36 -17.77 -25.83
CA ASN A 342 1.14 -18.91 -26.31
C ASN A 342 0.67 -20.29 -25.83
N PHE A 343 -0.65 -20.50 -25.83
CA PHE A 343 -1.24 -21.80 -25.52
C PHE A 343 -1.39 -22.70 -26.76
N THR A 344 -1.49 -24.01 -26.51
CA THR A 344 -1.51 -25.02 -27.59
C THR A 344 -2.83 -25.03 -28.35
N GLY A 345 -2.74 -25.16 -29.67
CA GLY A 345 -3.90 -25.13 -30.58
C GLY A 345 -4.84 -26.31 -30.49
N SER A 346 -6.06 -26.11 -31.00
CA SER A 346 -7.13 -27.12 -31.08
C SER A 346 -7.69 -27.64 -29.74
N VAL A 347 -7.03 -27.31 -28.64
CA VAL A 347 -7.50 -27.67 -27.30
C VAL A 347 -8.56 -26.67 -26.84
N ILE A 348 -9.62 -27.17 -26.20
CA ILE A 348 -10.61 -26.32 -25.56
C ILE A 348 -10.30 -26.31 -24.07
N TYR A 349 -10.42 -25.14 -23.44
CA TYR A 349 -10.05 -24.96 -22.04
C TYR A 349 -11.20 -24.48 -21.19
N GLU A 350 -11.07 -24.68 -19.89
CA GLU A 350 -11.98 -24.12 -18.91
C GLU A 350 -11.15 -23.51 -17.79
N ALA A 351 -11.62 -22.38 -17.27
CA ALA A 351 -10.89 -21.65 -16.25
C ALA A 351 -11.78 -21.36 -15.05
N GLN A 352 -11.25 -21.58 -13.86
CA GLN A 352 -11.92 -21.13 -12.66
C GLN A 352 -11.16 -19.95 -12.09
N ASP A 353 -11.88 -18.85 -11.88
CA ASP A 353 -11.34 -17.70 -11.18
C ASP A 353 -11.06 -18.11 -9.74
N VAL A 354 -9.79 -18.04 -9.35
CA VAL A 354 -9.36 -18.50 -8.02
C VAL A 354 -10.00 -17.72 -6.86
N TYR A 355 -10.27 -16.44 -7.06
CA TYR A 355 -10.85 -15.63 -5.99
C TYR A 355 -12.38 -15.56 -5.96
N SER A 356 -12.99 -15.50 -7.13
CA SER A 356 -14.45 -15.38 -7.20
C SER A 356 -15.13 -16.74 -7.32
N GLY A 357 -14.39 -17.75 -7.77
CA GLY A 357 -14.95 -19.08 -7.94
C GLY A 357 -15.66 -19.26 -9.26
N ASP A 358 -15.91 -18.17 -9.98
CA ASP A 358 -16.58 -18.21 -11.27
C ASP A 358 -15.87 -19.10 -12.28
N ILE A 359 -16.64 -19.80 -13.09
CA ILE A 359 -16.09 -20.69 -14.09
C ILE A 359 -16.34 -20.15 -15.51
N ILE A 360 -15.25 -19.91 -16.24
CA ILE A 360 -15.31 -19.52 -17.65
C ILE A 360 -15.00 -20.76 -18.49
N SER A 361 -15.95 -21.14 -19.34
CA SER A 361 -15.83 -22.39 -20.08
C SER A 361 -15.84 -22.20 -21.59
N GLY A 362 -15.36 -23.20 -22.32
CA GLY A 362 -15.35 -23.18 -23.79
C GLY A 362 -14.36 -22.21 -24.39
N LEU A 363 -13.17 -22.14 -23.81
CA LEU A 363 -12.12 -21.23 -24.29
C LEU A 363 -11.17 -21.90 -25.25
N ARG A 364 -11.27 -21.54 -26.53
CA ARG A 364 -10.30 -21.97 -27.53
C ARG A 364 -9.18 -20.92 -27.57
N ASP A 365 -8.09 -21.22 -28.27
CA ASP A 365 -6.98 -20.27 -28.41
C ASP A 365 -7.42 -18.92 -28.97
N GLU A 366 -8.35 -18.95 -29.93
CA GLU A 366 -8.79 -17.77 -30.66
C GLU A 366 -9.83 -16.97 -29.87
N THR A 367 -10.40 -17.59 -28.84
CA THR A 367 -11.48 -16.97 -28.09
C THR A 367 -10.99 -15.73 -27.33
N ASN A 368 -11.57 -14.58 -27.65
CA ASN A 368 -11.26 -13.34 -26.95
C ASN A 368 -11.94 -13.35 -25.59
N PHE A 369 -11.18 -12.98 -24.57
CA PHE A 369 -11.76 -12.80 -23.25
C PHE A 369 -11.33 -11.46 -22.66
N THR A 370 -12.12 -10.98 -21.70
CA THR A 370 -11.81 -9.77 -20.96
C THR A 370 -11.75 -10.09 -19.47
N VAL A 371 -10.65 -9.71 -18.82
CA VAL A 371 -10.55 -9.76 -17.36
C VAL A 371 -10.42 -8.34 -16.79
N ILE A 372 -11.17 -8.06 -15.73
CA ILE A 372 -11.13 -6.75 -15.10
C ILE A 372 -10.20 -6.78 -13.89
N ILE A 373 -9.09 -6.05 -14.01
CA ILE A 373 -8.05 -6.06 -12.99
C ILE A 373 -7.95 -4.71 -12.29
N ASN A 374 -8.01 -4.73 -10.96
CA ASN A 374 -7.89 -3.51 -10.16
C ASN A 374 -6.41 -3.10 -9.99
N PRO A 375 -6.14 -1.80 -9.78
CA PRO A 375 -4.77 -1.29 -9.65
C PRO A 375 -4.04 -1.97 -8.51
N SER A 376 -2.76 -2.31 -8.72
CA SER A 376 -1.96 -3.08 -7.77
C SER A 376 -2.64 -4.39 -7.35
N GLY A 377 -3.44 -4.95 -8.26
CA GLY A 377 -4.19 -6.17 -7.99
C GLY A 377 -4.04 -7.21 -9.08
N VAL A 378 -4.76 -8.33 -8.92
CA VAL A 378 -4.69 -9.44 -9.87
C VAL A 378 -6.06 -10.04 -10.19
N VAL A 379 -6.09 -10.75 -11.30
CA VAL A 379 -7.12 -11.75 -11.57
C VAL A 379 -6.34 -13.06 -11.75
N MET A 380 -6.82 -14.13 -11.11
CA MET A 380 -6.13 -15.41 -11.18
C MET A 380 -7.03 -16.51 -11.72
N TRP A 381 -6.51 -17.22 -12.72
CA TRP A 381 -7.22 -18.31 -13.35
C TRP A 381 -6.53 -19.64 -13.08
N TYR A 382 -7.34 -20.65 -12.75
CA TYR A 382 -6.91 -22.03 -12.80
C TYR A 382 -7.49 -22.62 -14.07
N LEU A 383 -6.61 -22.93 -15.02
CA LEU A 383 -7.00 -23.29 -16.38
C LEU A 383 -6.66 -24.74 -16.68
N TYR A 384 -7.55 -25.43 -17.38
CA TYR A 384 -7.38 -26.85 -17.70
C TYR A 384 -8.10 -27.21 -19.00
N PRO A 385 -7.57 -28.20 -19.74
CA PRO A 385 -8.27 -28.66 -20.94
C PRO A 385 -9.56 -29.39 -20.57
N ILE A 386 -10.58 -29.28 -21.42
CA ILE A 386 -11.82 -30.05 -21.24
C ILE A 386 -12.18 -30.85 -22.50
N LYS A 387 -12.77 -32.03 -22.30
CA LYS A 387 -13.18 -32.90 -23.42
C LYS A 387 -14.65 -32.70 -23.76
N LEU B 1 -6.83 34.22 -3.25
CA LEU B 1 -7.75 35.04 -4.10
C LEU B 1 -8.87 35.67 -3.27
N ASP B 2 -8.93 37.00 -3.30
CA ASP B 2 -9.87 37.78 -2.49
C ASP B 2 -11.25 37.84 -3.15
N ASN B 3 -11.88 36.68 -3.31
CA ASN B 3 -13.20 36.57 -3.96
C ASN B 3 -14.31 36.08 -3.03
N GLY B 4 -14.04 36.10 -1.73
CA GLY B 4 -15.01 35.68 -0.72
C GLY B 4 -15.12 34.17 -0.52
N LEU B 5 -14.41 33.41 -1.34
CA LEU B 5 -14.56 31.96 -1.35
C LEU B 5 -13.40 31.26 -0.69
N LEU B 6 -13.70 30.06 -0.18
CA LEU B 6 -12.72 29.14 0.38
C LEU B 6 -11.87 29.77 1.48
N GLN B 7 -12.55 30.42 2.42
CA GLN B 7 -11.95 30.89 3.66
C GLN B 7 -11.45 29.71 4.49
N THR B 8 -11.94 28.51 4.14
CA THR B 8 -11.39 27.25 4.61
C THR B 8 -11.10 26.40 3.37
N PRO B 9 -10.29 25.32 3.51
CA PRO B 9 -10.00 24.50 2.32
C PRO B 9 -11.26 23.89 1.72
N PRO B 10 -11.33 23.80 0.37
CA PRO B 10 -12.51 23.20 -0.27
C PRO B 10 -12.67 21.72 0.07
N MET B 11 -13.90 21.30 0.31
CA MET B 11 -14.21 19.90 0.56
C MET B 11 -15.21 19.41 -0.49
N GLY B 12 -14.97 18.23 -1.02
CA GLY B 12 -15.84 17.70 -2.03
C GLY B 12 -15.28 16.47 -2.70
N TRP B 13 -15.61 16.35 -3.98
CA TRP B 13 -15.35 15.15 -4.76
C TRP B 13 -14.96 15.55 -6.16
N LEU B 14 -13.91 14.92 -6.67
CA LEU B 14 -13.37 15.22 -7.98
C LEU B 14 -13.30 13.90 -8.75
N ALA B 15 -13.70 13.93 -10.01
CA ALA B 15 -13.84 12.70 -10.80
C ALA B 15 -12.53 11.99 -11.16
N TRP B 16 -11.44 12.75 -11.26
CA TRP B 16 -10.25 12.31 -11.99
C TRP B 16 -9.54 11.05 -11.48
N GLU B 17 -9.11 11.05 -10.22
CA GLU B 17 -8.28 9.94 -9.73
C GLU B 17 -8.95 8.56 -9.92
N ARG B 18 -10.24 8.46 -9.59
CA ARG B 18 -10.93 7.17 -9.63
C ARG B 18 -11.48 6.81 -11.01
N PHE B 19 -11.94 7.82 -11.75
CA PHE B 19 -12.67 7.56 -12.98
C PHE B 19 -11.94 7.98 -14.24
N ARG B 20 -10.92 8.82 -14.08
CA ARG B 20 -10.00 9.19 -15.16
C ARG B 20 -10.71 9.63 -16.44
N CYS B 21 -10.23 9.13 -17.58
CA CYS B 21 -10.77 9.50 -18.88
C CYS B 21 -11.55 8.34 -19.51
N ASN B 22 -12.35 7.67 -18.69
CA ASN B 22 -13.21 6.58 -19.15
C ASN B 22 -14.43 7.14 -19.89
N ILE B 23 -14.36 7.08 -21.22
CA ILE B 23 -15.41 7.61 -22.09
C ILE B 23 -16.23 6.49 -22.75
N ASN B 24 -15.82 5.26 -22.52
CA ASN B 24 -16.52 4.10 -23.05
C ASN B 24 -17.79 3.81 -22.26
N CYS B 25 -18.84 4.58 -22.53
CA CYS B 25 -20.13 4.42 -21.85
C CYS B 25 -20.91 3.21 -22.34
N ASP B 26 -20.68 2.82 -23.60
CA ASP B 26 -21.36 1.66 -24.18
C ASP B 26 -21.07 0.38 -23.41
N GLU B 27 -19.81 0.16 -23.08
CA GLU B 27 -19.38 -1.03 -22.34
C GLU B 27 -19.37 -0.83 -20.84
N ASP B 28 -19.29 0.42 -20.39
CA ASP B 28 -19.14 0.73 -18.97
C ASP B 28 -20.00 1.93 -18.55
N PRO B 29 -21.34 1.82 -18.67
CA PRO B 29 -22.20 2.98 -18.41
C PRO B 29 -22.19 3.48 -16.95
N LYS B 30 -21.81 2.63 -16.02
CA LYS B 30 -21.87 2.97 -14.59
C LYS B 30 -20.63 3.75 -14.13
N ASN B 31 -19.53 3.62 -14.88
CA ASN B 31 -18.25 4.22 -14.49
C ASN B 31 -17.65 5.25 -15.44
N CYS B 32 -18.21 5.38 -16.65
CA CYS B 32 -17.74 6.36 -17.62
C CYS B 32 -18.02 7.80 -17.17
N ILE B 33 -17.26 8.74 -17.72
CA ILE B 33 -17.47 10.17 -17.51
C ILE B 33 -18.75 10.60 -18.23
N SER B 34 -19.83 10.74 -17.47
CA SER B 34 -21.13 11.07 -18.02
C SER B 34 -21.93 11.85 -16.98
N GLU B 35 -23.01 12.51 -17.42
CA GLU B 35 -23.87 13.24 -16.49
C GLU B 35 -24.47 12.31 -15.42
N GLN B 36 -24.73 11.06 -15.80
CA GLN B 36 -25.22 10.03 -14.89
C GLN B 36 -24.25 9.82 -13.73
N LEU B 37 -22.95 9.70 -14.03
CA LEU B 37 -21.94 9.52 -13.00
C LEU B 37 -22.03 10.63 -11.97
N PHE B 38 -22.12 11.86 -12.46
CA PHE B 38 -22.14 13.02 -11.59
C PHE B 38 -23.44 13.17 -10.81
N MET B 39 -24.56 12.83 -11.44
CA MET B 39 -25.86 12.88 -10.76
C MET B 39 -25.95 11.87 -9.62
N GLU B 40 -25.50 10.64 -9.87
CA GLU B 40 -25.44 9.59 -8.86
C GLU B 40 -24.53 9.94 -7.68
N MET B 41 -23.38 10.53 -7.98
CA MET B 41 -22.45 10.98 -6.94
C MET B 41 -23.05 12.10 -6.11
N ALA B 42 -23.70 13.04 -6.79
CA ALA B 42 -24.42 14.13 -6.14
C ALA B 42 -25.46 13.58 -5.18
N ASP B 43 -26.23 12.60 -5.64
CA ASP B 43 -27.25 11.93 -4.83
C ASP B 43 -26.64 11.33 -3.57
N ARG B 44 -25.52 10.62 -3.73
CA ARG B 44 -24.79 10.04 -2.62
C ARG B 44 -24.33 11.12 -1.63
N MET B 45 -23.83 12.23 -2.15
CA MET B 45 -23.33 13.32 -1.31
C MET B 45 -24.45 13.95 -0.47
N ALA B 46 -25.63 14.09 -1.07
CA ALA B 46 -26.81 14.61 -0.38
C ALA B 46 -27.37 13.64 0.67
N GLN B 47 -27.37 12.35 0.34
CA GLN B 47 -28.05 11.35 1.18
C GLN B 47 -27.18 10.69 2.26
N ASP B 48 -25.89 10.53 1.98
CA ASP B 48 -25.02 9.71 2.81
C ASP B 48 -24.19 10.52 3.81
N GLY B 49 -24.60 11.78 4.03
CA GLY B 49 -23.97 12.62 5.03
C GLY B 49 -22.81 13.49 4.56
N TRP B 50 -22.32 13.26 3.34
CA TRP B 50 -21.18 14.00 2.80
C TRP B 50 -21.39 15.51 2.81
N ARG B 51 -22.51 15.97 2.24
CA ARG B 51 -22.79 17.39 2.15
C ARG B 51 -22.93 18.02 3.53
N ASP B 52 -23.56 17.29 4.44
CA ASP B 52 -23.80 17.79 5.81
C ASP B 52 -22.51 17.90 6.61
N MET B 53 -21.51 17.10 6.25
CA MET B 53 -20.19 17.15 6.90
C MET B 53 -19.29 18.21 6.28
N GLY B 54 -19.70 18.78 5.15
CA GLY B 54 -18.97 19.86 4.52
C GLY B 54 -18.47 19.64 3.11
N TYR B 55 -18.59 18.41 2.60
CA TYR B 55 -18.22 18.10 1.22
C TYR B 55 -19.29 18.65 0.28
N THR B 56 -19.00 19.83 -0.27
CA THR B 56 -19.98 20.58 -1.03
C THR B 56 -19.70 20.62 -2.53
N TYR B 57 -18.42 20.54 -2.90
CA TYR B 57 -18.03 20.56 -4.32
C TYR B 57 -18.12 19.20 -5.01
N LEU B 58 -18.68 19.21 -6.22
CA LEU B 58 -18.76 18.04 -7.07
C LEU B 58 -18.11 18.45 -8.40
N ASN B 59 -16.89 18.00 -8.62
CA ASN B 59 -16.08 18.55 -9.73
C ASN B 59 -15.86 17.62 -10.90
N ILE B 60 -16.28 18.10 -12.07
CA ILE B 60 -15.92 17.50 -13.34
C ILE B 60 -14.43 17.77 -13.58
N ASP B 61 -13.71 16.75 -14.04
CA ASP B 61 -12.33 16.94 -14.48
C ASP B 61 -12.27 16.76 -16.01
N ASP B 62 -11.13 16.30 -16.52
CA ASP B 62 -10.90 16.22 -17.96
C ASP B 62 -11.86 15.28 -18.67
N CYS B 63 -11.95 15.41 -20.01
CA CYS B 63 -12.69 14.50 -20.90
C CYS B 63 -14.20 14.70 -20.90
N TRP B 64 -14.65 15.91 -20.56
CA TRP B 64 -16.07 16.24 -20.58
C TRP B 64 -16.48 16.95 -21.86
N ILE B 65 -15.52 17.59 -22.52
CA ILE B 65 -15.78 18.45 -23.67
C ILE B 65 -16.15 17.66 -24.93
N GLY B 66 -17.22 18.09 -25.59
CA GLY B 66 -17.58 17.56 -26.90
C GLY B 66 -16.81 18.28 -27.98
N GLY B 67 -16.90 19.60 -27.96
CA GLY B 67 -16.17 20.46 -28.89
C GLY B 67 -16.56 21.90 -28.64
N ARG B 68 -16.28 22.75 -29.63
CA ARG B 68 -16.77 24.13 -29.61
C ARG B 68 -17.82 24.28 -30.70
N ASP B 69 -18.88 25.02 -30.40
CA ASP B 69 -19.96 25.22 -31.36
C ASP B 69 -19.56 26.24 -32.44
N ALA B 70 -20.53 26.66 -33.24
CA ALA B 70 -20.29 27.62 -34.33
C ALA B 70 -19.78 28.98 -33.84
N SER B 71 -20.07 29.32 -32.59
CA SER B 71 -19.64 30.58 -31.99
C SER B 71 -18.35 30.48 -31.17
N GLY B 72 -17.82 29.26 -31.07
CA GLY B 72 -16.60 28.99 -30.29
C GLY B 72 -16.85 28.69 -28.83
N ARG B 73 -18.13 28.58 -28.47
CA ARG B 73 -18.57 28.28 -27.12
C ARG B 73 -18.39 26.79 -26.84
N LEU B 74 -17.68 26.48 -25.76
CA LEU B 74 -17.48 25.10 -25.33
C LEU B 74 -18.81 24.39 -25.16
N MET B 75 -18.84 23.11 -25.50
CA MET B 75 -20.01 22.29 -25.22
C MET B 75 -19.60 20.92 -24.72
N PRO B 76 -20.40 20.32 -23.82
CA PRO B 76 -20.05 19.01 -23.31
C PRO B 76 -20.31 17.96 -24.37
N ASP B 77 -19.79 16.76 -24.15
CA ASP B 77 -20.05 15.63 -25.04
C ASP B 77 -21.56 15.35 -25.06
N PRO B 78 -22.19 15.48 -26.24
CA PRO B 78 -23.65 15.37 -26.36
C PRO B 78 -24.20 14.00 -25.91
N LYS B 79 -23.51 12.92 -26.27
CA LYS B 79 -23.94 11.57 -25.89
C LYS B 79 -23.77 11.29 -24.41
N ARG B 80 -22.73 11.87 -23.79
CA ARG B 80 -22.42 11.61 -22.39
C ARG B 80 -23.03 12.63 -21.42
N PHE B 81 -23.37 13.81 -21.95
CA PHE B 81 -24.05 14.85 -21.16
C PHE B 81 -25.27 15.37 -21.94
N PRO B 82 -26.29 14.50 -22.15
CA PRO B 82 -27.40 14.83 -23.07
C PRO B 82 -28.20 16.07 -22.68
N HIS B 83 -28.36 16.32 -21.38
CA HIS B 83 -29.15 17.45 -20.91
C HIS B 83 -28.36 18.76 -20.84
N GLY B 84 -27.03 18.67 -21.01
CA GLY B 84 -26.17 19.84 -20.96
C GLY B 84 -25.67 20.15 -19.56
N ILE B 85 -24.64 21.00 -19.47
CA ILE B 85 -24.05 21.38 -18.19
C ILE B 85 -24.97 22.22 -17.28
N PRO B 86 -25.68 23.23 -17.84
CA PRO B 86 -26.63 24.01 -17.03
C PRO B 86 -27.64 23.14 -16.25
N PHE B 87 -28.13 22.07 -16.89
CA PHE B 87 -29.01 21.10 -16.25
C PHE B 87 -28.31 20.43 -15.06
N LEU B 88 -27.07 19.99 -15.28
CA LEU B 88 -26.28 19.36 -14.23
C LEU B 88 -26.03 20.31 -13.06
N ALA B 89 -25.73 21.58 -13.38
CA ALA B 89 -25.46 22.58 -12.36
C ALA B 89 -26.70 22.82 -11.50
N ASP B 90 -27.85 22.92 -12.16
CA ASP B 90 -29.15 23.04 -11.49
C ASP B 90 -29.40 21.87 -10.55
N TYR B 91 -29.19 20.67 -11.06
CA TYR B 91 -29.37 19.46 -10.27
C TYR B 91 -28.50 19.51 -9.02
N VAL B 92 -27.22 19.77 -9.24
CA VAL B 92 -26.23 19.86 -8.16
C VAL B 92 -26.63 20.94 -7.15
N HIS B 93 -27.06 22.11 -7.64
CA HIS B 93 -27.50 23.21 -6.77
C HIS B 93 -28.73 22.88 -5.91
N SER B 94 -29.65 22.10 -6.48
CA SER B 94 -30.89 21.74 -5.80
C SER B 94 -30.64 20.80 -4.62
N LEU B 95 -29.54 20.07 -4.68
CA LEU B 95 -29.15 19.16 -3.61
C LEU B 95 -28.23 19.84 -2.59
N GLY B 96 -28.12 21.17 -2.69
CA GLY B 96 -27.30 21.97 -1.76
C GLY B 96 -25.80 21.87 -2.04
N LEU B 97 -25.45 21.46 -3.26
CA LEU B 97 -24.07 21.24 -3.64
C LEU B 97 -23.57 22.29 -4.63
N LYS B 98 -22.27 22.27 -4.90
CA LYS B 98 -21.65 23.18 -5.85
C LYS B 98 -21.00 22.38 -6.96
N LEU B 99 -21.05 22.90 -8.20
CA LEU B 99 -20.44 22.21 -9.34
C LEU B 99 -19.10 22.80 -9.77
N GLY B 100 -18.08 21.95 -9.82
CA GLY B 100 -16.79 22.34 -10.38
C GLY B 100 -16.63 21.85 -11.81
N ILE B 101 -15.73 22.49 -12.55
CA ILE B 101 -15.43 22.08 -13.91
C ILE B 101 -13.93 22.23 -14.19
N TYR B 102 -13.51 21.72 -15.35
CA TYR B 102 -12.11 21.64 -15.71
C TYR B 102 -11.90 22.28 -17.09
N ALA B 103 -10.80 23.01 -17.21
CA ALA B 103 -10.37 23.55 -18.51
C ALA B 103 -8.84 23.57 -18.51
N ASP B 104 -8.26 23.81 -19.68
CA ASP B 104 -6.81 23.81 -19.81
C ASP B 104 -6.29 25.09 -20.45
N MET B 105 -5.36 25.75 -19.77
CA MET B 105 -4.71 26.95 -20.28
C MET B 105 -3.63 26.52 -21.26
N GLY B 106 -4.04 26.31 -22.52
CA GLY B 106 -3.16 25.80 -23.56
C GLY B 106 -3.95 25.28 -24.74
N ASN B 107 -3.25 24.65 -25.68
CA ASN B 107 -3.87 24.21 -26.93
C ASN B 107 -4.91 23.11 -26.73
N PHE B 108 -4.61 22.19 -25.81
CA PHE B 108 -5.49 21.07 -25.50
C PHE B 108 -5.43 20.75 -24.02
N THR B 109 -6.44 20.05 -23.52
CA THR B 109 -6.39 19.47 -22.18
C THR B 109 -5.35 18.34 -22.21
N CYS B 110 -4.91 17.89 -21.04
CA CYS B 110 -3.86 16.87 -20.97
C CYS B 110 -4.23 15.59 -21.72
N MET B 111 -5.52 15.34 -21.84
CA MET B 111 -6.03 14.18 -22.56
C MET B 111 -6.41 14.49 -24.01
N GLY B 112 -6.06 15.69 -24.47
CA GLY B 112 -6.20 16.09 -25.87
C GLY B 112 -7.52 16.72 -26.26
N TYR B 113 -8.34 17.06 -25.26
CA TYR B 113 -9.61 17.72 -25.50
C TYR B 113 -9.40 19.22 -25.80
N PRO B 114 -10.40 19.89 -26.43
CA PRO B 114 -10.21 21.30 -26.80
C PRO B 114 -9.74 22.17 -25.64
N GLY B 115 -8.62 22.86 -25.85
CA GLY B 115 -8.04 23.70 -24.81
C GLY B 115 -8.61 25.10 -24.77
N THR B 116 -8.42 25.75 -23.63
CA THR B 116 -8.74 27.15 -23.46
C THR B 116 -7.47 27.96 -23.74
N THR B 117 -7.32 28.35 -25.00
CA THR B 117 -6.22 29.21 -25.44
C THR B 117 -6.46 30.65 -24.98
N LEU B 118 -5.42 31.48 -25.09
CA LEU B 118 -5.49 32.89 -24.65
C LEU B 118 -6.70 33.64 -25.22
N ASP B 119 -7.02 33.39 -26.48
CA ASP B 119 -8.14 34.07 -27.14
C ASP B 119 -9.51 33.46 -26.78
N LYS B 120 -9.51 32.40 -25.99
CA LYS B 120 -10.75 31.76 -25.54
C LYS B 120 -11.02 31.95 -24.05
N VAL B 121 -10.02 32.45 -23.32
CA VAL B 121 -10.10 32.62 -21.88
C VAL B 121 -11.38 33.33 -21.42
N VAL B 122 -11.61 34.54 -21.94
CA VAL B 122 -12.78 35.34 -21.58
C VAL B 122 -14.09 34.60 -21.91
N GLN B 123 -14.20 34.09 -23.14
CA GLN B 123 -15.39 33.38 -23.60
C GLN B 123 -15.72 32.17 -22.72
N ASP B 124 -14.71 31.37 -22.43
CA ASP B 124 -14.89 30.19 -21.59
C ASP B 124 -15.29 30.57 -20.17
N ALA B 125 -14.66 31.62 -19.64
CA ALA B 125 -15.02 32.15 -18.33
C ALA B 125 -16.50 32.55 -18.26
N GLN B 126 -16.96 33.25 -19.30
CA GLN B 126 -18.35 33.72 -19.37
C GLN B 126 -19.31 32.54 -19.51
N THR B 127 -18.88 31.54 -20.29
CA THR B 127 -19.64 30.31 -20.46
C THR B 127 -19.84 29.56 -19.13
N PHE B 128 -18.76 29.40 -18.36
CA PHE B 128 -18.86 28.72 -17.07
C PHE B 128 -19.77 29.49 -16.11
N ALA B 129 -19.64 30.81 -16.11
CA ALA B 129 -20.49 31.67 -15.28
C ALA B 129 -21.96 31.54 -15.68
N GLU B 130 -22.22 31.60 -16.99
CA GLU B 130 -23.58 31.45 -17.51
C GLU B 130 -24.20 30.12 -17.12
N TRP B 131 -23.37 29.07 -17.17
CA TRP B 131 -23.78 27.72 -16.79
C TRP B 131 -24.03 27.59 -15.28
N LYS B 132 -23.56 28.59 -14.53
CA LYS B 132 -23.64 28.62 -13.06
C LYS B 132 -22.68 27.60 -12.41
N VAL B 133 -21.50 27.48 -13.00
CA VAL B 133 -20.40 26.70 -12.41
C VAL B 133 -19.89 27.44 -11.18
N ASP B 134 -19.41 26.68 -10.19
CA ASP B 134 -18.98 27.26 -8.90
C ASP B 134 -17.48 27.17 -8.67
N MET B 135 -16.81 26.34 -9.45
CA MET B 135 -15.38 26.15 -9.32
C MET B 135 -14.78 25.81 -10.66
N LEU B 136 -13.58 26.34 -10.92
CA LEU B 136 -12.82 25.99 -12.11
C LEU B 136 -11.44 25.48 -11.72
N LYS B 137 -11.07 24.32 -12.28
CA LYS B 137 -9.68 23.86 -12.25
C LYS B 137 -9.07 24.16 -13.62
N LEU B 138 -8.01 24.95 -13.64
CA LEU B 138 -7.37 25.33 -14.90
C LEU B 138 -6.02 24.66 -15.03
N ASP B 139 -5.97 23.67 -15.91
CA ASP B 139 -4.78 22.88 -16.14
C ASP B 139 -3.84 23.62 -17.08
N GLY B 140 -2.61 23.14 -17.22
CA GLY B 140 -1.59 23.83 -18.00
C GLY B 140 -0.86 22.98 -19.03
N CYS B 141 -1.51 21.93 -19.53
CA CYS B 141 -0.93 21.12 -20.60
C CYS B 141 -0.93 21.90 -21.92
N PHE B 142 -0.02 21.53 -22.81
CA PHE B 142 0.08 22.10 -24.16
C PHE B 142 0.14 23.64 -24.19
N SER B 143 1.00 24.19 -23.33
CA SER B 143 1.23 25.62 -23.26
C SER B 143 2.71 25.92 -23.03
N THR B 144 3.11 27.16 -23.31
CA THR B 144 4.46 27.63 -23.05
C THR B 144 4.47 28.34 -21.70
N PRO B 145 5.66 28.53 -21.10
CA PRO B 145 5.71 29.32 -19.85
C PRO B 145 5.10 30.71 -20.02
N GLU B 146 5.36 31.35 -21.16
CA GLU B 146 4.80 32.67 -21.47
C GLU B 146 3.27 32.65 -21.50
N GLU B 147 2.71 31.65 -22.16
CA GLU B 147 1.25 31.49 -22.24
C GLU B 147 0.59 31.34 -20.86
N ARG B 148 1.23 30.59 -19.97
CA ARG B 148 0.74 30.40 -18.61
C ARG B 148 0.86 31.69 -17.80
N ALA B 149 1.98 32.39 -17.97
CA ALA B 149 2.23 33.67 -17.29
C ALA B 149 1.20 34.74 -17.65
N GLN B 150 0.76 34.71 -18.90
CA GLN B 150 -0.30 35.60 -19.36
C GLN B 150 -1.69 35.05 -19.02
N GLY B 151 -1.86 33.74 -19.20
CA GLY B 151 -3.16 33.08 -19.17
C GLY B 151 -3.84 32.92 -17.83
N TYR B 152 -3.07 32.55 -16.81
CA TYR B 152 -3.65 32.37 -15.47
C TYR B 152 -4.19 33.67 -14.87
N PRO B 153 -3.40 34.79 -14.93
CA PRO B 153 -4.00 36.05 -14.49
C PRO B 153 -5.15 36.49 -15.39
N LYS B 154 -5.09 36.14 -16.67
CA LYS B 154 -6.15 36.46 -17.62
C LYS B 154 -7.47 35.82 -17.23
N MET B 155 -7.41 34.54 -16.83
CA MET B 155 -8.59 33.80 -16.42
C MET B 155 -9.14 34.31 -15.09
N ALA B 156 -8.24 34.61 -14.15
CA ALA B 156 -8.62 35.19 -12.87
C ALA B 156 -9.40 36.50 -13.11
N ALA B 157 -8.85 37.38 -13.93
CA ALA B 157 -9.53 38.62 -14.31
C ALA B 157 -10.87 38.34 -14.97
N ALA B 158 -10.88 37.42 -15.94
CA ALA B 158 -12.10 37.07 -16.68
C ALA B 158 -13.20 36.50 -15.76
N LEU B 159 -12.80 35.64 -14.83
CA LEU B 159 -13.73 35.08 -13.86
C LEU B 159 -14.31 36.18 -12.98
N ASN B 160 -13.45 37.10 -12.56
CA ASN B 160 -13.86 38.24 -11.75
C ASN B 160 -14.86 39.11 -12.52
N ALA B 161 -14.58 39.36 -13.79
CA ALA B 161 -15.39 40.24 -14.64
C ALA B 161 -16.78 39.68 -14.91
N THR B 162 -16.96 38.37 -14.74
CA THR B 162 -18.28 37.73 -14.91
C THR B 162 -19.24 38.11 -13.80
N GLY B 163 -18.70 38.47 -12.64
CA GLY B 163 -19.51 38.81 -11.47
C GLY B 163 -19.88 37.63 -10.60
N ARG B 164 -19.81 36.42 -11.16
CA ARG B 164 -20.10 35.20 -10.39
C ARG B 164 -18.88 34.75 -9.57
N PRO B 165 -19.07 34.50 -8.26
CA PRO B 165 -17.96 33.93 -7.47
C PRO B 165 -17.67 32.50 -7.93
N ILE B 166 -16.49 32.32 -8.51
CA ILE B 166 -16.05 31.00 -8.96
C ILE B 166 -14.71 30.66 -8.33
N ALA B 167 -14.67 29.58 -7.56
CA ALA B 167 -13.45 29.13 -6.93
C ALA B 167 -12.43 28.82 -8.02
N PHE B 168 -11.22 29.30 -7.85
CA PHE B 168 -10.21 29.17 -8.89
C PHE B 168 -9.02 28.31 -8.45
N SER B 169 -8.92 27.14 -9.08
CA SER B 169 -7.89 26.14 -8.81
C SER B 169 -6.88 26.17 -9.94
N CYS B 170 -5.64 26.56 -9.63
CA CYS B 170 -4.62 26.80 -10.64
C CYS B 170 -3.51 25.76 -10.64
N SER B 171 -3.31 25.12 -11.78
CA SER B 171 -2.29 24.09 -11.89
C SER B 171 -0.95 24.69 -12.26
N TRP B 172 -0.96 26.01 -12.46
CA TRP B 172 0.22 26.76 -12.92
C TRP B 172 1.54 26.32 -12.29
N PRO B 173 1.66 26.36 -10.94
CA PRO B 173 2.96 26.06 -10.33
C PRO B 173 3.50 24.65 -10.61
N ALA B 174 2.60 23.68 -10.75
CA ALA B 174 2.98 22.30 -11.07
C ALA B 174 3.75 22.19 -12.38
N TYR B 175 3.46 23.09 -13.32
CA TYR B 175 4.15 23.09 -14.60
C TYR B 175 5.45 23.90 -14.60
N GLU B 176 5.85 24.37 -13.41
CA GLU B 176 6.99 25.27 -13.26
C GLU B 176 7.98 24.79 -12.18
N GLY B 177 7.84 23.54 -11.76
CA GLY B 177 8.69 22.99 -10.69
C GLY B 177 8.24 23.35 -9.29
N GLY B 178 7.18 24.17 -9.19
CA GLY B 178 6.53 24.46 -7.91
C GLY B 178 7.28 25.33 -6.93
N LEU B 179 8.42 25.89 -7.35
CA LEU B 179 9.30 26.60 -6.45
C LEU B 179 9.75 27.96 -6.99
N PRO B 180 10.08 28.92 -6.10
CA PRO B 180 10.72 30.16 -6.55
C PRO B 180 12.10 29.85 -7.14
N PRO B 181 12.61 30.72 -8.04
CA PRO B 181 11.99 31.96 -8.51
C PRO B 181 10.94 31.76 -9.61
N ARG B 182 10.97 30.61 -10.29
CA ARG B 182 10.04 30.35 -11.39
C ARG B 182 8.58 30.50 -10.98
N VAL B 183 8.26 30.08 -9.75
CA VAL B 183 6.94 30.26 -9.19
C VAL B 183 6.92 31.47 -8.26
N GLN B 184 5.96 32.37 -8.52
CA GLN B 184 5.75 33.54 -7.68
C GLN B 184 4.51 33.31 -6.82
N TYR B 185 4.71 32.80 -5.61
CA TYR B 185 3.60 32.44 -4.72
C TYR B 185 2.76 33.61 -4.24
N SER B 186 3.38 34.79 -4.18
CA SER B 186 2.69 36.02 -3.82
C SER B 186 1.64 36.35 -4.88
N LEU B 187 2.01 36.19 -6.16
CA LEU B 187 1.07 36.39 -7.25
C LEU B 187 -0.02 35.34 -7.24
N LEU B 188 0.35 34.08 -7.05
CA LEU B 188 -0.63 32.98 -7.00
C LEU B 188 -1.67 33.18 -5.92
N ALA B 189 -1.24 33.59 -4.73
CA ALA B 189 -2.16 33.90 -3.63
C ALA B 189 -3.16 34.97 -4.05
N ASP B 190 -2.70 35.94 -4.85
CA ASP B 190 -3.57 37.01 -5.31
C ASP B 190 -4.54 36.60 -6.41
N ILE B 191 -4.19 35.60 -7.21
CA ILE B 191 -5.04 35.24 -8.35
C ILE B 191 -5.81 33.90 -8.25
N CYS B 192 -5.43 33.05 -7.31
CA CYS B 192 -6.04 31.72 -7.17
C CYS B 192 -6.52 31.42 -5.75
N ASN B 193 -7.57 30.60 -5.64
CA ASN B 193 -8.06 30.10 -4.35
C ASN B 193 -7.24 28.91 -3.84
N LEU B 194 -6.66 28.16 -4.78
CA LEU B 194 -5.78 27.03 -4.48
C LEU B 194 -4.99 26.68 -5.71
N TRP B 195 -3.88 25.98 -5.53
CA TRP B 195 -3.01 25.66 -6.64
C TRP B 195 -2.37 24.31 -6.44
N ARG B 196 -2.34 23.53 -7.51
CA ARG B 196 -1.59 22.29 -7.53
C ARG B 196 -0.10 22.60 -7.66
N ASN B 197 0.65 22.41 -6.57
CA ASN B 197 2.08 22.72 -6.57
C ASN B 197 2.89 21.64 -7.26
N TYR B 198 2.40 20.39 -7.21
CA TYR B 198 3.26 19.25 -7.45
C TYR B 198 2.61 18.14 -8.29
N ASP B 199 3.28 17.00 -8.37
CA ASP B 199 2.89 15.87 -9.23
C ASP B 199 1.48 15.36 -8.94
N ASP B 200 0.83 14.81 -9.96
CA ASP B 200 -0.48 14.14 -9.80
C ASP B 200 -0.35 12.97 -8.84
N ILE B 201 -1.27 12.92 -7.87
CA ILE B 201 -1.39 11.74 -7.03
C ILE B 201 -1.83 10.53 -7.87
N GLN B 202 -1.25 9.37 -7.56
CA GLN B 202 -1.65 8.11 -8.15
C GLN B 202 -2.06 7.19 -7.02
N ASP B 203 -2.83 6.15 -7.33
CA ASP B 203 -3.39 5.26 -6.31
C ASP B 203 -2.33 4.30 -5.73
N SER B 204 -1.44 4.86 -4.92
CA SER B 204 -0.39 4.09 -4.26
C SER B 204 0.16 4.87 -3.07
N TRP B 205 0.65 4.14 -2.09
CA TRP B 205 1.26 4.74 -0.91
C TRP B 205 2.55 5.46 -1.29
N TRP B 206 3.29 4.90 -2.25
CA TRP B 206 4.51 5.53 -2.77
C TRP B 206 4.23 6.96 -3.26
N SER B 207 3.11 7.12 -3.96
CA SER B 207 2.71 8.42 -4.48
C SER B 207 2.39 9.39 -3.35
N VAL B 208 1.62 8.93 -2.36
CA VAL B 208 1.37 9.73 -1.17
C VAL B 208 2.68 10.20 -0.51
N LEU B 209 3.61 9.26 -0.30
CA LEU B 209 4.89 9.57 0.33
C LEU B 209 5.73 10.58 -0.47
N SER B 210 5.74 10.44 -1.79
CA SER B 210 6.54 11.33 -2.61
C SER B 210 6.00 12.76 -2.56
N ILE B 211 4.67 12.89 -2.48
CA ILE B 211 4.03 14.20 -2.35
C ILE B 211 4.36 14.82 -0.98
N LEU B 212 4.13 14.04 0.08
CA LEU B 212 4.49 14.44 1.45
C LEU B 212 5.93 14.91 1.56
N ASN B 213 6.86 14.11 1.05
N ASN B 213 6.84 14.08 1.06
CA ASN B 213 8.28 14.41 1.16
CA ASN B 213 8.27 14.37 1.09
C ASN B 213 8.67 15.69 0.43
C ASN B 213 8.56 15.74 0.49
N TRP B 214 8.00 15.98 -0.68
CA TRP B 214 8.22 17.22 -1.41
C TRP B 214 7.68 18.42 -0.66
N PHE B 215 6.48 18.29 -0.11
CA PHE B 215 5.88 19.34 0.70
C PHE B 215 6.67 19.62 1.98
N VAL B 216 7.29 18.58 2.53
CA VAL B 216 8.07 18.74 3.76
C VAL B 216 9.45 19.32 3.47
N GLU B 217 10.08 18.88 2.38
CA GLU B 217 11.36 19.42 1.93
C GLU B 217 11.30 20.91 1.69
N HIS B 218 10.14 21.38 1.23
CA HIS B 218 9.97 22.77 0.85
C HIS B 218 8.94 23.52 1.72
N GLN B 219 8.68 23.01 2.92
CA GLN B 219 7.67 23.61 3.80
C GLN B 219 8.02 25.04 4.27
N ASP B 220 9.31 25.35 4.39
CA ASP B 220 9.75 26.71 4.72
C ASP B 220 9.19 27.73 3.73
N ILE B 221 9.10 27.31 2.47
CA ILE B 221 8.53 28.13 1.40
C ILE B 221 6.99 28.00 1.33
N LEU B 222 6.49 26.77 1.47
CA LEU B 222 5.09 26.48 1.17
C LEU B 222 4.10 26.75 2.31
N GLN B 223 4.54 26.49 3.54
CA GLN B 223 3.71 26.69 4.71
C GLN B 223 3.16 28.13 4.88
N PRO B 224 4.02 29.16 4.71
CA PRO B 224 3.54 30.54 4.94
C PRO B 224 2.56 31.06 3.90
N VAL B 225 2.61 30.56 2.67
CA VAL B 225 1.79 31.12 1.59
C VAL B 225 0.33 30.65 1.62
N ALA B 226 0.05 29.63 2.44
CA ALA B 226 -1.30 29.11 2.59
C ALA B 226 -2.10 29.88 3.64
N GLY B 227 -3.40 30.01 3.40
CA GLY B 227 -4.30 30.65 4.36
C GLY B 227 -5.69 30.83 3.77
N PRO B 228 -6.62 31.40 4.55
CA PRO B 228 -7.98 31.63 4.08
C PRO B 228 -8.02 32.26 2.68
N GLY B 229 -8.65 31.58 1.74
CA GLY B 229 -8.77 32.05 0.37
C GLY B 229 -7.66 31.64 -0.60
N HIS B 230 -6.59 31.01 -0.08
CA HIS B 230 -5.43 30.64 -0.91
C HIS B 230 -4.62 29.46 -0.34
N TRP B 231 -4.83 28.28 -0.92
CA TRP B 231 -4.33 27.02 -0.38
C TRP B 231 -3.32 26.32 -1.27
N ASN B 232 -2.34 25.66 -0.66
CA ASN B 232 -1.56 24.64 -1.35
C ASN B 232 -2.45 23.41 -1.58
N ASP B 233 -2.34 22.82 -2.76
CA ASP B 233 -3.12 21.63 -3.13
C ASP B 233 -2.17 20.45 -3.45
N PRO B 234 -2.02 19.51 -2.50
CA PRO B 234 -1.19 18.31 -2.71
C PRO B 234 -1.95 17.19 -3.43
N ASP B 235 -3.15 17.51 -3.90
CA ASP B 235 -3.97 16.64 -4.76
C ASP B 235 -4.97 15.78 -3.98
N MET B 236 -5.73 14.99 -4.73
CA MET B 236 -6.91 14.28 -4.22
C MET B 236 -6.65 13.27 -3.11
N LEU B 237 -7.68 13.01 -2.31
CA LEU B 237 -7.66 11.94 -1.34
C LEU B 237 -7.86 10.62 -2.07
N LEU B 238 -7.13 9.59 -1.63
CA LEU B 238 -7.22 8.26 -2.24
C LEU B 238 -8.11 7.32 -1.46
N ILE B 239 -8.57 7.78 -0.30
CA ILE B 239 -9.35 6.99 0.61
C ILE B 239 -10.60 6.46 -0.11
N GLY B 240 -10.79 5.15 -0.02
CA GLY B 240 -11.91 4.49 -0.67
C GLY B 240 -11.50 3.69 -1.90
N ASN B 241 -10.26 3.88 -2.35
CA ASN B 241 -9.81 3.23 -3.57
C ASN B 241 -9.02 1.93 -3.36
N PHE B 242 -7.97 1.70 -4.15
CA PHE B 242 -7.34 0.37 -4.25
C PHE B 242 -5.95 0.26 -3.65
N GLY B 243 -5.21 1.36 -3.66
CA GLY B 243 -3.78 1.34 -3.34
C GLY B 243 -3.42 1.44 -1.88
N LEU B 244 -4.27 2.08 -1.07
CA LEU B 244 -3.93 2.30 0.35
C LEU B 244 -4.55 1.28 1.30
N SER B 245 -3.74 0.79 2.23
CA SER B 245 -4.25 -0.02 3.31
C SER B 245 -5.05 0.89 4.26
N LEU B 246 -5.66 0.29 5.27
CA LEU B 246 -6.41 1.05 6.28
C LEU B 246 -5.53 2.09 6.97
N GLU B 247 -4.37 1.68 7.47
CA GLU B 247 -3.46 2.57 8.17
C GLU B 247 -3.06 3.74 7.28
N GLN B 248 -2.80 3.44 6.02
CA GLN B 248 -2.37 4.43 5.04
C GLN B 248 -3.49 5.40 4.68
N SER B 249 -4.72 4.88 4.68
CA SER B 249 -5.92 5.68 4.42
C SER B 249 -6.12 6.70 5.54
N ARG B 250 -5.98 6.25 6.77
CA ARG B 250 -6.08 7.11 7.94
C ARG B 250 -4.92 8.10 7.99
N ALA B 251 -3.77 7.68 7.48
CA ALA B 251 -2.58 8.54 7.43
C ALA B 251 -2.77 9.72 6.48
N GLN B 252 -3.24 9.44 5.26
CA GLN B 252 -3.45 10.53 4.31
C GLN B 252 -4.48 11.53 4.82
N MET B 253 -5.58 11.05 5.39
CA MET B 253 -6.60 11.94 5.91
C MET B 253 -6.01 12.88 6.96
N ALA B 254 -5.23 12.31 7.89
CA ALA B 254 -4.63 13.07 8.98
C ALA B 254 -3.60 14.08 8.47
N LEU B 255 -2.77 13.64 7.52
CA LEU B 255 -1.68 14.46 7.01
C LEU B 255 -2.16 15.57 6.07
N TRP B 256 -3.19 15.28 5.28
CA TRP B 256 -3.79 16.31 4.44
C TRP B 256 -4.50 17.34 5.35
N THR B 257 -5.02 16.87 6.48
CA THR B 257 -5.66 17.73 7.44
C THR B 257 -4.67 18.70 8.11
N VAL B 258 -3.53 18.21 8.60
CA VAL B 258 -2.54 19.13 9.19
C VAL B 258 -1.88 20.08 8.19
N LEU B 259 -1.90 19.71 6.91
CA LEU B 259 -1.36 20.56 5.85
C LEU B 259 -2.37 21.58 5.32
N ALA B 260 -3.54 21.67 5.95
CA ALA B 260 -4.62 22.55 5.51
C ALA B 260 -4.87 22.37 4.01
N ALA B 261 -4.92 21.10 3.61
CA ALA B 261 -5.11 20.72 2.22
C ALA B 261 -6.60 20.69 1.91
N PRO B 262 -6.97 20.85 0.63
CA PRO B 262 -8.32 20.55 0.20
C PRO B 262 -8.69 19.12 0.58
N LEU B 263 -9.94 18.89 0.96
CA LEU B 263 -10.39 17.52 1.19
C LEU B 263 -11.25 17.11 0.00
N LEU B 264 -10.57 16.78 -1.10
CA LEU B 264 -11.24 16.44 -2.34
C LEU B 264 -11.12 14.94 -2.61
N MET B 265 -12.21 14.23 -2.32
CA MET B 265 -12.32 12.80 -2.57
C MET B 265 -12.34 12.50 -4.06
N SER B 266 -11.93 11.30 -4.41
CA SER B 266 -12.06 10.79 -5.77
C SER B 266 -12.17 9.29 -5.67
N THR B 267 -13.41 8.83 -5.48
CA THR B 267 -13.68 7.43 -5.18
C THR B 267 -15.15 7.14 -5.46
N ASP B 268 -15.49 5.86 -5.65
CA ASP B 268 -16.88 5.52 -5.93
C ASP B 268 -17.71 5.59 -4.65
N LEU B 269 -18.45 6.69 -4.51
CA LEU B 269 -19.27 6.92 -3.32
C LEU B 269 -20.48 5.98 -3.23
N ARG B 270 -20.77 5.27 -4.31
CA ARG B 270 -21.90 4.31 -4.31
C ARG B 270 -21.55 3.02 -3.57
N THR B 271 -20.27 2.66 -3.58
CA THR B 271 -19.83 1.37 -3.04
C THR B 271 -18.81 1.50 -1.90
N ILE B 272 -18.52 2.74 -1.51
CA ILE B 272 -17.55 3.03 -0.45
C ILE B 272 -17.90 2.29 0.85
N SER B 273 -16.90 1.68 1.47
CA SER B 273 -17.10 0.93 2.72
C SER B 273 -17.35 1.85 3.89
N ALA B 274 -18.05 1.33 4.91
CA ALA B 274 -18.30 2.06 6.14
C ALA B 274 -16.99 2.54 6.79
N GLN B 275 -15.97 1.71 6.70
CA GLN B 275 -14.67 1.98 7.30
C GLN B 275 -14.03 3.21 6.67
N ASN B 276 -14.07 3.27 5.34
CA ASN B 276 -13.57 4.43 4.61
C ASN B 276 -14.45 5.66 4.77
N MET B 277 -15.77 5.45 4.88
CA MET B 277 -16.69 6.55 5.16
C MET B 277 -16.39 7.15 6.53
N ASP B 278 -16.12 6.28 7.51
CA ASP B 278 -15.80 6.71 8.87
C ASP B 278 -14.57 7.60 8.93
N ILE B 279 -13.58 7.30 8.08
CA ILE B 279 -12.38 8.11 7.97
C ILE B 279 -12.76 9.50 7.46
N LEU B 280 -13.33 9.53 6.26
CA LEU B 280 -13.67 10.78 5.58
C LEU B 280 -14.69 11.66 6.28
N GLN B 281 -15.58 11.05 7.05
CA GLN B 281 -16.64 11.79 7.75
C GLN B 281 -16.34 11.98 9.24
N ASN B 282 -15.09 11.79 9.65
CA ASN B 282 -14.66 12.05 11.03
C ASN B 282 -14.86 13.53 11.38
N PRO B 283 -15.79 13.81 12.31
CA PRO B 283 -16.23 15.19 12.58
C PRO B 283 -15.12 16.07 13.16
N LEU B 284 -14.28 15.50 14.02
CA LEU B 284 -13.17 16.24 14.59
C LEU B 284 -12.08 16.50 13.54
N MET B 285 -11.79 15.49 12.72
CA MET B 285 -10.82 15.63 11.62
C MET B 285 -11.21 16.80 10.72
N ILE B 286 -12.48 16.83 10.32
CA ILE B 286 -13.02 17.87 9.46
C ILE B 286 -12.95 19.25 10.13
N LYS B 287 -13.31 19.31 11.41
CA LYS B 287 -13.21 20.54 12.20
C LYS B 287 -11.78 21.10 12.18
N ILE B 288 -10.79 20.21 12.35
CA ILE B 288 -9.38 20.58 12.31
C ILE B 288 -8.99 21.06 10.91
N ASN B 289 -9.39 20.29 9.89
CA ASN B 289 -9.14 20.70 8.52
C ASN B 289 -9.73 22.07 8.21
N GLN B 290 -10.96 22.27 8.66
CA GLN B 290 -11.70 23.50 8.37
C GLN B 290 -11.44 24.63 9.37
N ASP B 291 -10.38 24.51 10.16
CA ASP B 291 -10.09 25.51 11.19
C ASP B 291 -10.07 26.93 10.60
N PRO B 292 -10.79 27.87 11.24
CA PRO B 292 -10.94 29.25 10.75
C PRO B 292 -9.63 30.02 10.54
N LEU B 293 -8.59 29.70 11.30
CA LEU B 293 -7.30 30.39 11.14
C LEU B 293 -6.59 30.05 9.83
N GLY B 294 -6.82 28.84 9.32
CA GLY B 294 -6.25 28.41 8.04
C GLY B 294 -4.74 28.38 8.02
N ILE B 295 -4.13 28.03 9.16
CA ILE B 295 -2.68 27.97 9.26
C ILE B 295 -2.19 26.56 8.90
N GLN B 296 -1.48 26.46 7.78
CA GLN B 296 -0.90 25.19 7.37
C GLN B 296 0.09 24.70 8.43
N GLY B 297 0.02 23.42 8.74
CA GLY B 297 0.92 22.79 9.70
C GLY B 297 2.28 22.49 9.08
N ARG B 298 3.12 21.84 9.87
CA ARG B 298 4.50 21.59 9.51
C ARG B 298 4.93 20.27 10.15
N ARG B 299 5.94 19.64 9.55
CA ARG B 299 6.66 18.60 10.26
C ARG B 299 7.61 19.30 11.25
N ILE B 300 7.45 18.99 12.53
CA ILE B 300 8.23 19.66 13.55
C ILE B 300 9.34 18.78 14.13
N HIS B 301 9.27 17.49 13.85
CA HIS B 301 10.20 16.52 14.43
C HIS B 301 10.37 15.33 13.49
N LYS B 302 11.62 14.91 13.32
CA LYS B 302 11.93 13.65 12.65
C LYS B 302 12.98 12.91 13.49
N GLU B 303 12.70 11.64 13.78
CA GLU B 303 13.58 10.83 14.62
C GLU B 303 14.18 9.68 13.81
N LYS B 304 15.30 9.13 14.27
CA LYS B 304 15.94 8.01 13.56
C LYS B 304 15.11 6.72 13.62
N SER B 305 14.16 6.67 14.55
CA SER B 305 13.18 5.58 14.63
C SER B 305 12.16 5.65 13.47
N LEU B 306 12.29 6.68 12.63
CA LEU B 306 11.40 6.92 11.48
C LEU B 306 9.98 7.32 11.90
N ILE B 307 9.83 7.76 13.15
CA ILE B 307 8.63 8.45 13.58
C ILE B 307 8.78 9.94 13.28
N GLU B 308 7.81 10.48 12.55
CA GLU B 308 7.74 11.92 12.29
C GLU B 308 6.58 12.54 13.08
N VAL B 309 6.78 13.77 13.55
CA VAL B 309 5.71 14.52 14.20
C VAL B 309 5.37 15.78 13.40
N TYR B 310 4.08 15.91 13.07
CA TYR B 310 3.53 17.10 12.42
C TYR B 310 2.68 17.87 13.44
N MET B 311 2.67 19.20 13.29
CA MET B 311 1.87 20.06 14.16
C MET B 311 1.17 21.16 13.38
N ARG B 312 -0.14 21.30 13.60
CA ARG B 312 -0.91 22.39 13.03
C ARG B 312 -1.53 23.28 14.12
N PRO B 313 -1.21 24.59 14.11
CA PRO B 313 -1.84 25.55 15.00
C PRO B 313 -3.32 25.74 14.65
N LEU B 314 -4.17 25.80 15.68
CA LEU B 314 -5.60 25.96 15.50
C LEU B 314 -6.13 27.09 16.36
N SER B 315 -7.40 27.43 16.16
CA SER B 315 -8.03 28.49 16.94
C SER B 315 -8.25 28.06 18.39
N ASN B 316 -8.44 29.06 19.26
CA ASN B 316 -8.64 28.85 20.71
C ASN B 316 -7.46 28.16 21.37
N LYS B 317 -6.26 28.52 20.93
CA LYS B 317 -5.00 27.98 21.49
C LYS B 317 -4.86 26.46 21.35
N ALA B 318 -5.66 25.86 20.48
CA ALA B 318 -5.62 24.42 20.24
C ALA B 318 -4.58 24.05 19.18
N SER B 319 -4.19 22.78 19.17
CA SER B 319 -3.23 22.27 18.20
C SER B 319 -3.66 20.90 17.71
N ALA B 320 -3.19 20.55 16.52
CA ALA B 320 -3.31 19.20 16.01
C ALA B 320 -1.93 18.57 15.93
N LEU B 321 -1.80 17.40 16.53
CA LEU B 321 -0.56 16.64 16.45
C LEU B 321 -0.79 15.36 15.68
N VAL B 322 0.08 15.10 14.70
CA VAL B 322 0.08 13.84 13.97
C VAL B 322 1.42 13.14 14.17
N PHE B 323 1.35 11.98 14.83
CA PHE B 323 2.50 11.10 15.01
C PHE B 323 2.44 10.08 13.87
N PHE B 324 3.44 10.14 12.99
CA PHE B 324 3.42 9.39 11.73
C PHE B 324 4.59 8.41 11.69
N SER B 325 4.27 7.13 11.49
CA SER B 325 5.30 6.11 11.39
C SER B 325 5.63 5.77 9.94
N CYS B 326 6.85 6.08 9.55
CA CYS B 326 7.40 5.65 8.26
C CYS B 326 8.07 4.29 8.36
N ARG B 327 7.96 3.64 9.53
CA ARG B 327 8.47 2.29 9.71
C ARG B 327 7.66 1.29 8.90
N THR B 328 8.30 0.18 8.54
CA THR B 328 7.64 -0.87 7.77
C THR B 328 7.83 -2.22 8.45
N ASP B 329 7.88 -2.21 9.79
CA ASP B 329 7.99 -3.46 10.54
C ASP B 329 6.75 -3.85 11.37
N MET B 330 6.45 -3.08 12.42
CA MET B 330 5.41 -3.43 13.40
C MET B 330 4.99 -2.19 14.21
N PRO B 331 3.94 -2.31 15.05
CA PRO B 331 3.57 -1.17 15.91
C PRO B 331 4.76 -0.68 16.72
N TYR B 332 4.82 0.62 16.94
CA TYR B 332 5.94 1.25 17.62
C TYR B 332 5.46 2.10 18.79
N ARG B 333 6.05 1.88 19.96
CA ARG B 333 5.76 2.69 21.13
C ARG B 333 6.59 3.97 21.06
N TYR B 334 5.94 5.06 20.68
CA TYR B 334 6.63 6.34 20.62
C TYR B 334 6.51 7.07 21.95
N HIS B 335 7.66 7.23 22.63
CA HIS B 335 7.73 7.94 23.90
C HIS B 335 8.14 9.37 23.65
N SER B 336 7.34 10.31 24.14
CA SER B 336 7.63 11.73 23.96
C SER B 336 7.03 12.55 25.10
N SER B 337 7.07 13.87 24.93
CA SER B 337 6.44 14.80 25.85
C SER B 337 6.19 16.09 25.07
N LEU B 338 5.25 16.91 25.55
CA LEU B 338 4.93 18.16 24.87
C LEU B 338 6.10 19.15 24.90
N GLY B 339 6.90 19.09 25.97
CA GLY B 339 8.11 19.91 26.08
C GLY B 339 9.12 19.60 24.99
N GLN B 340 9.26 18.32 24.65
CA GLN B 340 10.15 17.89 23.59
C GLN B 340 9.61 18.26 22.20
N LEU B 341 8.35 18.67 22.15
CA LEU B 341 7.71 19.08 20.90
C LEU B 341 7.51 20.59 20.87
N ASN B 342 8.38 21.29 21.61
CA ASN B 342 8.46 22.76 21.61
C ASN B 342 7.20 23.48 22.13
N PHE B 343 6.42 22.79 22.96
CA PHE B 343 5.34 23.43 23.70
C PHE B 343 5.92 24.08 24.95
N THR B 344 5.59 25.34 25.19
CA THR B 344 6.13 26.07 26.34
C THR B 344 5.06 26.52 27.34
N GLY B 345 5.48 27.30 28.33
CA GLY B 345 4.61 27.77 29.40
C GLY B 345 4.33 26.68 30.41
N SER B 346 3.51 27.00 31.42
CA SER B 346 3.09 26.02 32.40
C SER B 346 1.61 25.68 32.20
N VAL B 347 1.21 25.64 30.93
CA VAL B 347 -0.14 25.29 30.53
C VAL B 347 -0.37 23.79 30.69
N ILE B 348 -1.52 23.42 31.27
CA ILE B 348 -1.93 22.03 31.34
C ILE B 348 -2.86 21.72 30.17
N TYR B 349 -2.46 20.77 29.33
CA TYR B 349 -3.21 20.41 28.14
C TYR B 349 -4.03 19.14 28.31
N GLU B 350 -4.98 18.96 27.41
CA GLU B 350 -5.71 17.71 27.27
C GLU B 350 -5.77 17.38 25.78
N ALA B 351 -5.70 16.10 25.45
CA ALA B 351 -5.75 15.67 24.05
C ALA B 351 -6.91 14.72 23.80
N GLN B 352 -7.54 14.85 22.64
CA GLN B 352 -8.45 13.83 22.16
C GLN B 352 -7.82 13.13 20.94
N ASP B 353 -7.71 11.80 21.02
CA ASP B 353 -7.27 10.98 19.90
C ASP B 353 -8.34 11.05 18.82
N VAL B 354 -7.99 11.60 17.67
CA VAL B 354 -8.96 11.91 16.61
C VAL B 354 -9.66 10.66 16.05
N TYR B 355 -8.98 9.52 16.02
CA TYR B 355 -9.57 8.29 15.49
C TYR B 355 -10.25 7.39 16.51
N SER B 356 -9.73 7.34 17.73
CA SER B 356 -10.28 6.45 18.75
C SER B 356 -11.24 7.17 19.68
N GLY B 357 -11.16 8.50 19.70
CA GLY B 357 -12.01 9.32 20.56
C GLY B 357 -11.54 9.41 22.00
N ASP B 358 -10.51 8.65 22.34
CA ASP B 358 -9.99 8.63 23.71
C ASP B 358 -9.45 9.98 24.15
N ILE B 359 -9.63 10.28 25.43
CA ILE B 359 -9.19 11.55 25.99
C ILE B 359 -8.02 11.32 26.96
N ILE B 360 -6.95 12.09 26.75
CA ILE B 360 -5.77 12.05 27.61
C ILE B 360 -5.67 13.38 28.36
N SER B 361 -5.80 13.34 29.68
CA SER B 361 -5.78 14.58 30.47
C SER B 361 -4.55 14.69 31.37
N GLY B 362 -4.26 15.92 31.80
CA GLY B 362 -3.16 16.17 32.71
C GLY B 362 -1.81 16.18 32.02
N LEU B 363 -1.80 16.56 30.75
CA LEU B 363 -0.56 16.67 29.99
C LEU B 363 0.10 18.02 30.22
N ARG B 364 1.18 18.00 31.00
CA ARG B 364 2.05 19.16 31.16
C ARG B 364 3.24 18.93 30.24
N ASP B 365 4.00 19.99 29.97
CA ASP B 365 5.16 19.90 29.08
C ASP B 365 6.13 18.77 29.42
N GLU B 366 6.27 18.47 30.71
CA GLU B 366 7.23 17.49 31.20
C GLU B 366 6.65 16.08 31.27
N THR B 367 5.34 15.96 31.11
CA THR B 367 4.66 14.68 31.25
C THR B 367 5.04 13.74 30.11
N ASN B 368 5.64 12.61 30.46
CA ASN B 368 5.97 11.57 29.49
C ASN B 368 4.71 10.86 29.06
N PHE B 369 4.57 10.65 27.75
CA PHE B 369 3.47 9.85 27.23
C PHE B 369 3.95 8.88 26.16
N THR B 370 3.16 7.83 25.94
CA THR B 370 3.44 6.86 24.89
C THR B 370 2.26 6.81 23.92
N VAL B 371 2.56 6.81 22.63
CA VAL B 371 1.56 6.51 21.62
C VAL B 371 2.02 5.31 20.81
N ILE B 372 1.10 4.39 20.55
CA ILE B 372 1.41 3.22 19.74
C ILE B 372 1.02 3.51 18.29
N ILE B 373 2.01 3.54 17.42
CA ILE B 373 1.79 3.87 16.01
C ILE B 373 2.08 2.66 15.13
N ASN B 374 1.13 2.33 14.25
CA ASN B 374 1.28 1.22 13.33
C ASN B 374 2.08 1.61 12.07
N PRO B 375 2.79 0.64 11.46
CA PRO B 375 3.59 0.92 10.26
C PRO B 375 2.76 1.62 9.20
N SER B 376 3.34 2.65 8.62
CA SER B 376 2.72 3.49 7.58
C SER B 376 1.40 4.08 8.06
N GLY B 377 1.32 4.32 9.36
CA GLY B 377 0.09 4.79 10.01
C GLY B 377 0.33 5.98 10.92
N VAL B 378 -0.75 6.45 11.53
CA VAL B 378 -0.71 7.64 12.38
C VAL B 378 -1.45 7.46 13.69
N VAL B 379 -1.03 8.26 14.65
CA VAL B 379 -1.83 8.62 15.81
C VAL B 379 -2.03 10.13 15.70
N MET B 380 -3.28 10.57 15.82
CA MET B 380 -3.58 11.99 15.73
C MET B 380 -4.25 12.52 16.99
N TRP B 381 -3.73 13.65 17.48
CA TRP B 381 -4.27 14.29 18.67
C TRP B 381 -4.85 15.67 18.36
N TYR B 382 -6.01 15.94 18.93
CA TYR B 382 -6.52 17.29 19.04
C TYR B 382 -6.19 17.75 20.45
N LEU B 383 -5.27 18.71 20.55
CA LEU B 383 -4.69 19.12 21.82
C LEU B 383 -5.16 20.53 22.20
N TYR B 384 -5.49 20.71 23.48
CA TYR B 384 -6.01 21.99 23.98
C TYR B 384 -5.69 22.21 25.47
N PRO B 385 -5.58 23.49 25.89
CA PRO B 385 -5.42 23.79 27.31
C PRO B 385 -6.71 23.54 28.08
N ILE B 386 -6.61 23.13 29.34
CA ILE B 386 -7.78 23.02 30.22
C ILE B 386 -7.59 23.75 31.55
N LYS B 387 -8.67 24.35 32.03
CA LYS B 387 -8.69 25.04 33.33
C LYS B 387 -10.02 24.82 34.06
C1 NAG C . 34.22 -13.54 14.43
C2 NAG C . 34.80 -12.27 13.79
C3 NAG C . 36.31 -12.12 14.01
C4 NAG C . 36.82 -12.61 15.38
C5 NAG C . 36.13 -13.93 15.79
C6 NAG C . 36.47 -14.44 17.19
C7 NAG C . 33.54 -11.61 11.75
C8 NAG C . 33.14 -12.14 10.41
N2 NAG C . 34.55 -12.25 12.35
O3 NAG C . 36.65 -10.76 13.85
O4 NAG C . 38.23 -12.72 15.35
O5 NAG C . 34.72 -13.74 15.74
O6 NAG C . 36.76 -13.40 18.11
O7 NAG C . 32.94 -10.64 12.23
C1 NAG C . 38.85 -11.72 16.21
C2 NAG C . 40.37 -11.98 16.31
C3 NAG C . 41.10 -10.89 17.09
C4 NAG C . 40.63 -9.47 16.75
C5 NAG C . 39.09 -9.42 16.74
C6 NAG C . 38.49 -8.06 16.41
C7 NAG C . 40.92 -14.36 16.24
C8 NAG C . 41.36 -15.55 17.02
N2 NAG C . 40.61 -13.27 16.94
O3 NAG C . 42.49 -11.00 16.85
O4 NAG C . 41.18 -8.57 17.70
O5 NAG C . 38.61 -10.38 15.81
O6 NAG C . 38.95 -7.58 15.17
O7 NAG C . 40.85 -14.41 15.00
C1 BMA C . 41.84 -7.46 17.06
C2 BMA C . 41.75 -6.22 17.94
C3 BMA C . 42.37 -5.01 17.23
C4 BMA C . 43.75 -5.31 16.64
C5 BMA C . 43.75 -6.64 15.87
C6 BMA C . 45.14 -7.02 15.36
O2 BMA C . 42.41 -6.46 19.19
O3 BMA C . 42.46 -3.90 18.13
O4 BMA C . 44.11 -4.24 15.76
O5 BMA C . 43.22 -7.70 16.68
O6 BMA C . 45.99 -7.48 16.42
C1 FUC C . 35.57 -12.99 18.84
C2 FUC C . 35.88 -12.83 20.33
C3 FUC C . 36.76 -11.61 20.59
C4 FUC C . 36.24 -10.34 19.89
C5 FUC C . 35.85 -10.63 18.44
C6 FUC C . 35.19 -9.44 17.76
O2 FUC C . 36.50 -14.00 20.81
O3 FUC C . 36.88 -11.38 21.99
O4 FUC C . 35.16 -9.82 20.61
O5 FUC C . 35.01 -11.78 18.34
C1 NAG D . 20.42 -38.05 4.73
C2 NAG D . 18.89 -38.14 4.73
C3 NAG D . 18.39 -39.29 3.86
C4 NAG D . 19.10 -39.33 2.50
C5 NAG D . 20.60 -39.31 2.72
C6 NAG D . 21.44 -39.40 1.44
C7 NAG D . 17.95 -37.35 6.88
C8 NAG D . 17.44 -37.76 8.24
N2 NAG D . 18.40 -38.34 6.09
O3 NAG D . 16.99 -39.21 3.71
O4 NAG D . 18.73 -40.53 1.84
O5 NAG D . 20.94 -38.11 3.41
O6 NAG D . 21.31 -38.21 0.69
O7 NAG D . 17.96 -36.17 6.57
C1 NAG D . 17.95 -40.30 0.65
C2 NAG D . 18.14 -41.49 -0.28
C3 NAG D . 17.23 -41.46 -1.51
C4 NAG D . 15.80 -41.05 -1.18
C5 NAG D . 15.80 -39.84 -0.23
C6 NAG D . 14.40 -39.40 0.19
C7 NAG D . 20.40 -42.43 -0.17
C8 NAG D . 21.75 -42.49 -0.82
N2 NAG D . 19.53 -41.57 -0.72
O3 NAG D . 17.22 -42.75 -2.09
O4 NAG D . 15.15 -40.73 -2.40
O5 NAG D . 16.57 -40.12 0.94
O6 NAG D . 13.82 -40.34 1.05
O7 NAG D . 20.16 -43.13 0.81
C1 BMA D . 14.10 -41.66 -2.73
C2 BMA D . 13.25 -41.02 -3.83
C3 BMA D . 12.13 -41.97 -4.30
C4 BMA D . 12.72 -43.35 -4.64
C5 BMA D . 13.54 -43.87 -3.47
C6 BMA D . 14.12 -45.26 -3.78
O2 BMA D . 14.09 -40.67 -4.93
O3 BMA D . 11.43 -41.49 -5.46
O4 BMA D . 11.67 -44.26 -4.98
O5 BMA D . 14.58 -42.94 -3.15
O6 BMA D . 15.39 -45.12 -4.42
C1 MAN D . 10.64 -40.30 -5.24
C2 MAN D . 9.23 -40.61 -4.70
C3 MAN D . 8.23 -41.02 -5.79
C4 MAN D . 8.44 -40.34 -7.15
C5 MAN D . 9.93 -40.21 -7.47
C6 MAN D . 10.19 -39.56 -8.83
O2 MAN D . 8.74 -39.50 -3.98
O3 MAN D . 6.92 -40.75 -5.33
O4 MAN D . 7.80 -41.09 -8.16
O5 MAN D . 10.56 -39.51 -6.41
O6 MAN D . 10.88 -38.34 -8.68
C1 MAN D . 16.06 -46.40 -4.45
C2 MAN D . 16.97 -46.58 -3.23
C3 MAN D . 18.25 -45.75 -3.34
C4 MAN D . 18.88 -45.73 -4.74
C5 MAN D . 17.84 -45.68 -5.86
C6 MAN D . 18.48 -45.97 -7.22
O2 MAN D . 17.28 -47.96 -3.08
O3 MAN D . 19.21 -46.20 -2.40
O4 MAN D . 19.71 -44.60 -4.82
O5 MAN D . 16.79 -46.61 -5.65
O6 MAN D . 17.53 -45.81 -8.24
C1 NAG E . 0.04 25.43 -29.52
C2 NAG E . 1.53 25.09 -29.65
C3 NAG E . 2.22 26.06 -30.60
C4 NAG E . 1.45 26.25 -31.91
C5 NAG E . -0.05 26.46 -31.64
C6 NAG E . -0.95 26.55 -32.87
C7 NAG E . 2.80 24.06 -27.86
C8 NAG E . 4.28 24.21 -27.60
N2 NAG E . 2.17 25.12 -28.35
O3 NAG E . 3.53 25.61 -30.88
O4 NAG E . 1.99 27.34 -32.62
O5 NAG E . -0.54 25.42 -30.81
O6 NAG E . -0.44 25.86 -34.00
O7 NAG E . 2.24 23.00 -27.60
C1 NAG E . 2.62 26.90 -33.84
C2 NAG E . 2.72 28.07 -34.84
C3 NAG E . 3.43 27.62 -36.13
C4 NAG E . 4.68 26.79 -35.86
C5 NAG E . 4.41 25.71 -34.80
C6 NAG E . 5.66 24.92 -34.44
C7 NAG E . 1.09 29.87 -35.13
C8 NAG E . 0.56 30.46 -36.41
N2 NAG E . 1.40 28.58 -35.16
O3 NAG E . 3.77 28.77 -36.88
O4 NAG E . 5.10 26.19 -37.07
O5 NAG E . 3.89 26.31 -33.64
O6 NAG E . 5.33 23.57 -34.27
O7 NAG E . 1.21 30.57 -34.13
C1 FUC E . -0.94 24.51 -34.09
C2 FUC E . -1.96 24.36 -35.23
C3 FUC E . -1.27 24.19 -36.59
C4 FUC E . -0.13 23.17 -36.53
C5 FUC E . 0.82 23.55 -35.40
C6 FUC E . 2.03 22.62 -35.34
O2 FUC E . -2.81 25.48 -35.27
O3 FUC E . -2.23 23.79 -37.55
O4 FUC E . -0.65 21.87 -36.31
O5 FUC E . 0.10 23.54 -34.17
C1 NAG F . -13.21 40.82 -8.09
C2 NAG F . -14.11 39.98 -7.18
C3 NAG F . -14.50 40.74 -5.92
C4 NAG F . -13.28 41.31 -5.20
C5 NAG F . -12.37 42.05 -6.18
C6 NAG F . -11.03 42.35 -5.54
C7 NAG F . -15.51 38.24 -8.16
C8 NAG F . -16.91 37.87 -8.55
N2 NAG F . -15.30 39.53 -7.88
O3 NAG F . -15.21 39.88 -5.05
O4 NAG F . -13.71 42.22 -4.21
O5 NAG F . -12.10 41.29 -7.35
O6 NAG F . -10.29 43.21 -6.38
O7 NAG F . -14.63 37.38 -8.11
C1 NAG F . -13.53 41.74 -2.86
C2 NAG F . -13.37 42.93 -1.91
C3 NAG F . -13.43 42.53 -0.43
C4 NAG F . -14.52 41.50 -0.10
C5 NAG F . -14.48 40.38 -1.16
C6 NAG F . -15.58 39.34 -0.95
C7 NAG F . -11.99 44.77 -2.78
C8 NAG F . -10.60 45.31 -2.90
N2 NAG F . -12.10 43.61 -2.14
O3 NAG F . -13.63 43.69 0.35
O4 NAG F . -14.25 40.99 1.18
O5 NAG F . -14.62 40.94 -2.45
O6 NAG F . -16.85 39.89 -1.21
O7 NAG F . -12.94 45.38 -3.25
C1 BMA F . -15.31 41.23 2.11
C2 BMA F . -15.11 40.29 3.30
C3 BMA F . -16.17 40.50 4.39
C4 BMA F . -16.38 41.99 4.71
C5 BMA F . -16.49 42.84 3.44
C6 BMA F . -16.53 44.33 3.79
O2 BMA F . -13.80 40.47 3.84
O3 BMA F . -15.83 39.83 5.62
O4 BMA F . -17.57 42.13 5.49
O5 BMA F . -15.38 42.58 2.57
O6 BMA F . -15.21 44.88 3.89
C1 MAN F . -16.02 38.40 5.55
C2 MAN F . -17.51 38.01 5.53
C3 MAN F . -18.14 38.03 6.92
C4 MAN F . -17.27 37.34 7.98
C5 MAN F . -15.82 37.82 7.88
C6 MAN F . -14.91 37.06 8.84
O2 MAN F . -17.64 36.73 4.93
O3 MAN F . -19.41 37.39 6.90
O4 MAN F . -17.81 37.59 9.25
O5 MAN F . -15.32 37.68 6.56
O6 MAN F . -14.09 37.97 9.55
C1 MAN F . -15.26 46.26 3.44
C2 MAN F . -14.43 46.44 2.17
C3 MAN F . -12.94 46.64 2.46
C4 MAN F . -12.70 47.66 3.56
C5 MAN F . -13.55 47.32 4.80
C6 MAN F . -13.42 48.38 5.88
O2 MAN F . -14.95 47.53 1.42
O3 MAN F . -12.25 47.02 1.29
O4 MAN F . -11.33 47.69 3.90
O5 MAN F . -14.93 47.20 4.45
O6 MAN F . -12.25 48.14 6.64
C1 GOL G . 12.82 -7.45 30.23
O1 GOL G . 11.81 -6.52 29.87
C2 GOL G . 12.70 -8.64 29.31
O2 GOL G . 13.85 -8.75 28.49
C3 GOL G . 12.49 -9.93 30.10
O3 GOL G . 11.46 -10.68 29.48
C1 GOL H . -1.89 -19.19 27.49
O1 GOL H . -1.77 -18.00 26.75
C2 GOL H . -1.15 -20.33 26.80
O2 GOL H . -0.84 -21.32 27.75
C3 GOL H . -2.02 -20.92 25.70
O3 GOL H . -1.36 -21.97 25.03
C1 GOL I . 26.21 -7.77 19.99
O1 GOL I . 26.80 -8.96 20.48
C2 GOL I . 27.12 -7.13 18.94
O2 GOL I . 28.48 -7.38 19.23
C3 GOL I . 26.79 -7.68 17.56
O3 GOL I . 27.68 -7.15 16.62
C1 GOL J . 22.64 -11.11 23.29
O1 GOL J . 22.13 -11.90 24.34
C2 GOL J . 21.64 -10.02 22.93
O2 GOL J . 21.40 -9.20 24.05
C3 GOL J . 22.20 -9.19 21.77
O3 GOL J . 21.95 -7.81 21.94
C1 GOL K . 2.48 -29.14 4.59
O1 GOL K . 1.25 -28.99 3.90
C2 GOL K . 3.60 -28.46 3.81
O2 GOL K . 4.23 -27.46 4.62
C3 GOL K . 4.62 -29.54 3.42
O3 GOL K . 5.46 -29.06 2.41
C1 GOL L . 20.61 -9.56 3.33
O1 GOL L . 19.95 -10.28 4.34
C2 GOL L . 20.06 -8.14 3.32
O2 GOL L . 20.83 -7.38 2.42
C3 GOL L . 18.61 -8.18 2.86
O3 GOL L . 17.78 -7.40 3.70
C1 GOL M . 17.86 -5.87 9.02
O1 GOL M . 17.55 -5.75 7.65
C2 GOL M . 17.75 -7.33 9.44
O2 GOL M . 19.00 -7.99 9.31
C3 GOL M . 17.21 -7.44 10.86
O3 GOL M . 17.90 -8.44 11.60
C1 GOL N . -0.95 4.98 -16.06
O1 GOL N . -1.52 6.13 -16.64
C2 GOL N . -1.54 4.75 -14.67
O2 GOL N . -0.81 3.73 -14.03
C3 GOL N . -1.50 6.06 -13.87
O3 GOL N . -1.41 5.85 -12.49
C1 GOL O . -3.70 -8.81 20.28
O1 GOL O . -3.75 -10.22 20.16
C2 GOL O . -2.32 -8.38 20.76
O2 GOL O . -1.64 -7.72 19.71
C3 GOL O . -2.47 -7.47 21.98
O3 GOL O . -1.69 -6.31 21.88
C1 GOL P . 7.49 -6.82 -12.07
O1 GOL P . 6.72 -7.97 -11.82
C2 GOL P . 6.67 -5.60 -11.70
O2 GOL P . 6.81 -4.60 -12.70
C3 GOL P . 7.12 -5.07 -10.35
O3 GOL P . 8.50 -4.77 -10.37
C1 NAG Q . -10.90 -10.81 -31.08
C2 NAG Q . -11.35 -11.35 -32.44
C3 NAG Q . -10.72 -10.57 -33.60
C4 NAG Q . -10.94 -9.07 -33.39
C5 NAG Q . -10.36 -8.68 -32.03
C6 NAG Q . -10.46 -7.18 -31.76
C7 NAG Q . -12.02 -13.70 -32.59
C8 NAG Q . -11.63 -15.06 -33.11
N2 NAG Q . -11.06 -12.77 -32.58
O3 NAG Q . -11.25 -10.97 -34.84
O4 NAG Q . -10.34 -8.32 -34.44
O5 NAG Q . -11.05 -9.39 -31.01
O6 NAG Q . -9.65 -6.86 -30.65
O7 NAG Q . -13.17 -13.51 -32.19
O5 A2G R . 17.82 -11.52 9.94
C1 A2G R . 18.05 -11.46 8.52
O1 A2G R . 17.93 -10.12 8.04
C2 A2G R . 17.08 -12.39 7.79
N2 A2G R . 17.33 -12.38 6.36
C3 A2G R . 15.64 -12.05 8.14
O3 A2G R . 14.77 -12.94 7.46
C4 A2G R . 15.46 -12.21 9.65
O4 A2G R . 15.61 -13.59 9.99
C5 A2G R . 16.48 -11.34 10.42
C6 A2G R . 16.46 -11.70 11.90
O6 A2G R . 17.31 -10.82 12.64
C7 A2G R . 17.77 -13.48 5.74
O7 A2G R . 17.72 -14.59 6.26
C8 A2G R . 18.33 -13.28 4.36
C1 GOL S . -18.65 5.09 -27.15
O1 GOL S . -18.62 4.05 -26.18
C2 GOL S . -18.83 6.42 -26.43
O2 GOL S . -17.81 7.31 -26.82
C3 GOL S . -20.19 7.02 -26.77
O3 GOL S . -20.86 7.37 -25.58
C1 GOL T . -2.56 16.48 -30.80
O1 GOL T . -1.15 16.32 -30.76
C2 GOL T . -3.19 15.61 -29.71
O2 GOL T . -3.12 16.27 -28.47
C3 GOL T . -4.64 15.30 -30.07
O3 GOL T . -5.44 16.45 -29.90
C1 GOL U . -11.42 13.17 -28.02
O1 GOL U . -11.66 14.56 -28.07
C2 GOL U . -10.07 12.84 -28.64
O2 GOL U . -9.88 13.61 -29.81
C3 GOL U . -8.95 13.14 -27.65
O3 GOL U . -7.69 12.99 -28.30
C1 GOL V . 1.34 17.47 -13.90
O1 GOL V . 0.88 17.69 -15.22
C2 GOL V . 2.77 16.98 -13.95
O2 GOL V . 3.63 18.08 -13.79
C3 GOL V . 3.04 15.96 -12.84
O3 GOL V . 2.09 14.92 -12.83
C1 GOL W . 11.75 -0.28 10.20
O1 GOL W . 11.26 0.44 9.09
C2 GOL W . 12.74 -1.33 9.71
O2 GOL W . 13.52 -1.77 10.80
C3 GOL W . 12.00 -2.54 9.14
O3 GOL W . 11.19 -2.20 8.03
C1 NAG X . 10.45 10.79 31.24
C2 NAG X . 10.75 11.35 32.63
C3 NAG X . 12.25 11.32 32.93
C4 NAG X . 12.86 9.94 32.65
C5 NAG X . 12.46 9.44 31.25
C6 NAG X . 12.93 8.01 31.05
C7 NAG X . 9.51 13.11 33.80
C8 NAG X . 9.55 14.58 34.12
N2 NAG X . 10.25 12.72 32.76
O3 NAG X . 12.45 11.67 34.29
O4 NAG X . 14.26 10.00 32.78
O5 NAG X . 11.05 9.51 31.07
O6 NAG X . 13.25 7.78 29.70
O7 NAG X . 8.82 12.35 34.48
O5 A2G Y . -4.36 16.39 -16.14
C1 A2G Y . -3.27 16.90 -15.34
O1 A2G Y . -2.19 15.96 -15.26
C2 A2G Y . -3.78 17.30 -13.96
N2 A2G Y . -2.70 17.83 -13.15
C3 A2G Y . -4.51 16.13 -13.31
O3 A2G Y . -4.95 16.47 -11.99
C4 A2G Y . -5.69 15.74 -14.18
O4 A2G Y . -6.62 16.83 -14.25
C5 A2G Y . -5.22 15.39 -15.59
C6 A2G Y . -6.43 15.23 -16.50
O6 A2G Y . -6.01 15.01 -17.84
C7 A2G Y . -2.69 19.12 -12.82
O7 A2G Y . -3.69 19.82 -12.92
C8 A2G Y . -1.39 19.66 -12.31
#